data_3QHE
#
_entry.id   3QHE
#
_cell.length_a   148.223
_cell.length_b   148.223
_cell.length_c   63.379
_cell.angle_alpha   90.00
_cell.angle_beta   90.00
_cell.angle_gamma   120.00
#
_symmetry.space_group_name_H-M   'P 61'
#
loop_
_entity.id
_entity.type
_entity.pdbx_description
1 polymer 'Adenomatous polyposis coli protein'
2 polymer 'KH domain-containing, RNA-binding, signal transduction-associated protein 1'
3 water water
#
loop_
_entity_poly.entity_id
_entity_poly.type
_entity_poly.pdbx_seq_one_letter_code
_entity_poly.pdbx_strand_id
1 'polypeptide(L)'
;DDKRGRREIRVLHLLEQIRAYCETCWEWQEAHEPGMDQDKNPMPAPVEHQICPAVCVLMKLSFDEEHRHAMNELGGLQAI
AELLQVDCEMYGLTNDHYSITLRRYAGMALTNLTFGDVANKATLCSMKGCMRALVAQLKSESEDLQQVIASVLRNLSWRA
DVNSKKTLREVGSVKALMECALEVKKESTLKSVLSALWNLSAHCTENKADICAVDGALAFLVGTLTYRSQTNTLAIIESG
GGILRNVSSLIATNEDHRQILRENNCLQTLLQHLKSHSLTIVSNACGTLWNLSARNPKDQEALWDMGAVSMLKNLIHSKH
KMIAMGSAAALRNLMAN
;
A,C
2 'polypeptide(L)' TYEEYGYDDTYAEQSYEGYEGYYSQSQGDSEYYDYGHGEVQDSYEAYGQDDWNGT B,D
#
# COMPACT_ATOMS: atom_id res chain seq x y z
N ARG A 6 -14.59 -26.26 34.35
CA ARG A 6 -13.71 -26.45 33.16
C ARG A 6 -14.33 -25.83 31.91
N ARG A 7 -13.49 -25.24 31.07
CA ARG A 7 -13.95 -24.69 29.81
C ARG A 7 -14.56 -25.78 28.96
N GLU A 8 -13.85 -26.90 28.87
CA GLU A 8 -14.23 -28.00 27.98
C GLU A 8 -15.59 -28.60 28.33
N ILE A 9 -15.84 -28.87 29.61
CA ILE A 9 -17.15 -29.38 30.04
C ILE A 9 -18.26 -28.38 29.72
N ARG A 10 -17.99 -27.09 29.96
CA ARG A 10 -18.92 -26.03 29.64
C ARG A 10 -19.24 -25.99 28.14
N VAL A 11 -18.22 -26.08 27.31
CA VAL A 11 -18.42 -26.03 25.87
C VAL A 11 -19.16 -27.28 25.38
N LEU A 12 -18.75 -28.45 25.88
CA LEU A 12 -19.42 -29.70 25.56
C LEU A 12 -20.92 -29.62 25.87
N HIS A 13 -21.24 -29.20 27.09
CA HIS A 13 -22.61 -29.06 27.57
C HIS A 13 -23.45 -28.30 26.56
N LEU A 14 -22.99 -27.10 26.21
CA LEU A 14 -23.66 -26.26 25.25
C LEU A 14 -23.80 -26.95 23.88
N LEU A 15 -22.73 -27.59 23.40
CA LEU A 15 -22.74 -28.23 22.08
C LEU A 15 -23.70 -29.41 22.01
N GLU A 16 -23.68 -30.22 23.06
CA GLU A 16 -24.62 -31.33 23.22
C GLU A 16 -26.06 -30.81 23.18
N GLN A 17 -26.32 -29.69 23.85
CA GLN A 17 -27.64 -29.06 23.85
C GLN A 17 -28.17 -28.78 22.45
N ILE A 18 -27.36 -28.14 21.61
CA ILE A 18 -27.82 -27.79 20.27
C ILE A 18 -27.85 -28.99 19.31
N ARG A 19 -26.99 -29.99 19.55
CA ARG A 19 -27.01 -31.21 18.76
C ARG A 19 -28.31 -31.99 18.96
N ALA A 20 -28.75 -32.08 20.22
CA ALA A 20 -29.94 -32.82 20.59
C ALA A 20 -31.17 -32.13 20.02
N TYR A 21 -31.12 -30.81 19.97
CA TYR A 21 -32.18 -30.02 19.38
C TYR A 21 -32.24 -30.24 17.86
N CYS A 22 -31.08 -30.23 17.21
CA CYS A 22 -31.02 -30.46 15.78
C CYS A 22 -31.55 -31.86 15.47
N GLU A 23 -31.19 -32.83 16.30
CA GLU A 23 -31.64 -34.20 16.16
C GLU A 23 -33.17 -34.26 16.17
N THR A 24 -33.79 -33.54 17.10
CA THR A 24 -35.23 -33.42 17.15
C THR A 24 -35.78 -32.85 15.85
N CYS A 25 -35.15 -31.76 15.40
CA CYS A 25 -35.57 -31.05 14.20
C CYS A 25 -35.48 -31.92 12.94
N TRP A 26 -34.37 -32.64 12.79
CA TRP A 26 -34.19 -33.54 11.65
C TRP A 26 -35.20 -34.68 11.67
N GLU A 27 -35.49 -35.20 12.87
CA GLU A 27 -36.52 -36.22 13.05
C GLU A 27 -37.89 -35.74 12.60
N TRP A 28 -38.22 -34.50 12.91
CA TRP A 28 -39.45 -33.89 12.40
C TRP A 28 -39.44 -33.77 10.86
N GLN A 29 -38.31 -33.31 10.31
CA GLN A 29 -38.13 -33.19 8.86
C GLN A 29 -38.34 -34.52 8.14
N GLU A 30 -37.91 -35.63 8.75
CA GLU A 30 -38.07 -36.96 8.14
C GLU A 30 -39.53 -37.27 7.83
N ALA A 31 -40.43 -36.78 8.67
CA ALA A 31 -41.86 -36.87 8.44
C ALA A 31 -42.29 -36.11 7.18
N HIS A 32 -42.30 -36.83 6.06
CA HIS A 32 -42.60 -36.33 4.69
C HIS A 32 -41.89 -35.03 4.33
N ASN A 41 -47.35 -35.90 15.64
CA ASN A 41 -46.11 -35.73 14.90
C ASN A 41 -45.75 -34.26 14.62
N PRO A 42 -45.91 -33.37 15.63
CA PRO A 42 -45.83 -31.94 15.36
C PRO A 42 -44.42 -31.36 15.41
N MET A 43 -44.35 -30.06 15.17
CA MET A 43 -43.12 -29.33 14.96
C MET A 43 -42.52 -28.90 16.31
N PRO A 44 -41.20 -29.16 16.51
CA PRO A 44 -40.50 -28.69 17.71
C PRO A 44 -40.39 -27.17 17.71
N ALA A 45 -40.20 -26.58 18.88
CA ALA A 45 -40.00 -25.13 18.95
C ALA A 45 -38.69 -24.83 19.65
N PRO A 46 -37.92 -23.85 19.12
CA PRO A 46 -36.63 -23.49 19.72
C PRO A 46 -36.75 -22.87 21.12
N VAL A 47 -37.76 -22.02 21.33
CA VAL A 47 -38.03 -21.43 22.65
C VAL A 47 -38.23 -22.51 23.72
N GLU A 48 -38.91 -23.60 23.36
CA GLU A 48 -39.21 -24.71 24.28
C GLU A 48 -37.95 -25.39 24.82
N HIS A 49 -36.85 -25.26 24.08
CA HIS A 49 -35.61 -25.94 24.42
C HIS A 49 -34.48 -24.98 24.82
N GLN A 50 -34.84 -23.73 25.06
CA GLN A 50 -33.92 -22.75 25.60
C GLN A 50 -32.70 -22.75 24.75
N ILE A 51 -32.95 -22.76 23.46
CA ILE A 51 -31.91 -22.85 22.46
C ILE A 51 -31.18 -21.54 22.20
N CYS A 52 -31.92 -20.42 22.23
CA CYS A 52 -31.31 -19.12 22.02
C CYS A 52 -30.28 -18.76 23.10
N PRO A 53 -30.62 -18.97 24.40
CA PRO A 53 -29.59 -18.77 25.42
C PRO A 53 -28.32 -19.59 25.22
N ALA A 54 -28.46 -20.86 24.82
CA ALA A 54 -27.31 -21.73 24.61
C ALA A 54 -26.40 -21.18 23.49
N VAL A 55 -27.03 -20.74 22.40
CA VAL A 55 -26.30 -20.15 21.28
C VAL A 55 -25.65 -18.86 21.74
N CYS A 56 -26.41 -18.07 22.50
CA CYS A 56 -25.94 -16.79 23.02
C CYS A 56 -24.63 -16.94 23.78
N VAL A 57 -24.57 -17.89 24.71
CA VAL A 57 -23.36 -18.11 25.52
C VAL A 57 -22.21 -18.57 24.62
N LEU A 58 -22.54 -19.53 23.76
CA LEU A 58 -21.61 -20.05 22.79
C LEU A 58 -21.03 -18.93 21.91
N MET A 59 -21.85 -17.93 21.59
CA MET A 59 -21.42 -16.77 20.82
C MET A 59 -20.42 -15.95 21.62
N LYS A 60 -20.80 -15.59 22.83
CA LYS A 60 -19.95 -14.80 23.73
C LYS A 60 -18.58 -15.46 23.90
N LEU A 61 -18.61 -16.77 24.15
CA LEU A 61 -17.40 -17.54 24.35
C LEU A 61 -16.52 -17.66 23.10
N SER A 62 -17.12 -17.52 21.92
CA SER A 62 -16.37 -17.55 20.65
C SER A 62 -15.46 -16.31 20.44
N PHE A 63 -15.62 -15.29 21.26
CA PHE A 63 -14.72 -14.14 21.24
C PHE A 63 -13.40 -14.43 21.98
N ASP A 64 -13.38 -15.53 22.75
CA ASP A 64 -12.21 -15.89 23.55
C ASP A 64 -11.45 -17.06 22.92
N GLU A 65 -10.17 -16.84 22.66
CA GLU A 65 -9.30 -17.81 21.97
C GLU A 65 -9.31 -19.22 22.56
N GLU A 66 -9.17 -19.29 23.88
CA GLU A 66 -9.13 -20.56 24.60
C GLU A 66 -10.42 -21.34 24.46
N HIS A 67 -11.55 -20.66 24.55
CA HIS A 67 -12.87 -21.28 24.34
C HIS A 67 -13.05 -21.72 22.88
N ARG A 68 -12.64 -20.86 21.94
CA ARG A 68 -12.61 -21.23 20.51
C ARG A 68 -11.89 -22.55 20.31
N HIS A 69 -10.75 -22.71 20.99
CA HIS A 69 -9.93 -23.91 20.85
C HIS A 69 -10.67 -25.16 21.32
N ALA A 70 -11.38 -25.05 22.44
CA ALA A 70 -12.21 -26.12 22.99
C ALA A 70 -13.34 -26.46 22.03
N MET A 71 -13.95 -25.44 21.43
CA MET A 71 -14.96 -25.65 20.39
C MET A 71 -14.43 -26.48 19.22
N ASN A 72 -13.24 -26.11 18.73
CA ASN A 72 -12.59 -26.79 17.60
C ASN A 72 -12.23 -28.23 17.87
N GLU A 73 -11.93 -28.54 19.14
CA GLU A 73 -11.67 -29.92 19.57
C GLU A 73 -12.95 -30.76 19.64
N LEU A 74 -14.09 -30.08 19.73
CA LEU A 74 -15.38 -30.75 19.88
C LEU A 74 -16.35 -30.51 18.71
N GLY A 75 -15.82 -30.12 17.55
CA GLY A 75 -16.65 -29.95 16.35
C GLY A 75 -17.72 -28.89 16.50
N GLY A 76 -17.38 -27.82 17.19
CA GLY A 76 -18.33 -26.76 17.48
C GLY A 76 -18.89 -26.09 16.26
N LEU A 77 -17.99 -25.79 15.32
CA LEU A 77 -18.32 -25.13 14.07
C LEU A 77 -19.46 -25.87 13.38
N GLN A 78 -19.25 -27.16 13.14
CA GLN A 78 -20.23 -27.99 12.48
C GLN A 78 -21.58 -27.90 13.21
N ALA A 79 -21.55 -28.02 14.53
CA ALA A 79 -22.76 -28.01 15.37
C ALA A 79 -23.56 -26.70 15.25
N ILE A 80 -22.86 -25.58 15.40
CA ILE A 80 -23.48 -24.27 15.26
C ILE A 80 -24.01 -24.04 13.84
N ALA A 81 -23.29 -24.54 12.84
CA ALA A 81 -23.71 -24.36 11.46
C ALA A 81 -25.01 -25.13 11.21
N GLU A 82 -25.07 -26.37 11.67
CA GLU A 82 -26.24 -27.24 11.56
C GLU A 82 -27.51 -26.62 12.15
N LEU A 83 -27.36 -26.02 13.33
CA LEU A 83 -28.43 -25.30 14.00
C LEU A 83 -28.97 -24.18 13.14
N LEU A 84 -28.06 -23.35 12.62
CA LEU A 84 -28.44 -22.23 11.78
C LEU A 84 -29.21 -22.79 10.59
N GLN A 85 -28.63 -23.79 9.93
CA GLN A 85 -29.22 -24.38 8.76
C GLN A 85 -30.66 -24.82 9.05
N VAL A 86 -30.83 -25.62 10.12
CA VAL A 86 -32.10 -26.25 10.38
C VAL A 86 -33.20 -25.22 10.76
N ASP A 87 -32.84 -24.18 11.52
CA ASP A 87 -33.79 -23.11 11.84
C ASP A 87 -34.19 -22.34 10.57
N CYS A 88 -33.24 -22.13 9.68
CA CYS A 88 -33.54 -21.48 8.40
C CYS A 88 -34.50 -22.33 7.56
N GLU A 89 -34.26 -23.64 7.52
CA GLU A 89 -35.10 -24.54 6.73
C GLU A 89 -36.50 -24.64 7.32
N MET A 90 -36.59 -24.73 8.64
CA MET A 90 -37.88 -24.82 9.32
C MET A 90 -38.75 -23.58 9.19
N TYR A 91 -38.18 -22.39 9.40
CA TYR A 91 -39.02 -21.18 9.47
C TYR A 91 -38.90 -20.22 8.28
N GLY A 92 -37.96 -20.47 7.39
CA GLY A 92 -37.73 -19.59 6.25
C GLY A 92 -37.46 -18.16 6.71
N LEU A 93 -37.82 -17.20 5.87
CA LEU A 93 -37.50 -15.80 6.12
C LEU A 93 -38.48 -15.15 7.11
N THR A 94 -38.56 -15.75 8.29
CA THR A 94 -39.46 -15.25 9.33
C THR A 94 -38.99 -13.94 9.89
N ASN A 95 -39.93 -13.08 10.25
CA ASN A 95 -39.62 -11.87 11.00
C ASN A 95 -39.68 -12.07 12.52
N ASP A 96 -39.88 -13.32 12.94
CA ASP A 96 -39.93 -13.63 14.38
C ASP A 96 -38.62 -13.29 15.10
N HIS A 97 -38.74 -12.52 16.16
CA HIS A 97 -37.58 -11.98 16.86
C HIS A 97 -36.67 -13.05 17.42
N TYR A 98 -37.27 -14.10 17.98
CA TYR A 98 -36.51 -15.18 18.59
C TYR A 98 -35.65 -15.91 17.56
N SER A 99 -36.24 -16.32 16.44
CA SER A 99 -35.46 -17.04 15.43
C SER A 99 -34.38 -16.17 14.73
N ILE A 100 -34.67 -14.90 14.53
CA ILE A 100 -33.69 -13.96 14.01
C ILE A 100 -32.52 -13.82 15.00
N THR A 101 -32.84 -13.61 16.28
CA THR A 101 -31.81 -13.52 17.30
C THR A 101 -30.91 -14.76 17.26
N LEU A 102 -31.55 -15.93 17.26
CA LEU A 102 -30.84 -17.19 17.24
C LEU A 102 -29.86 -17.22 16.06
N ARG A 103 -30.34 -16.84 14.89
CA ARG A 103 -29.55 -16.87 13.66
C ARG A 103 -28.39 -15.88 13.72
N ARG A 104 -28.64 -14.68 14.23
CA ARG A 104 -27.58 -13.71 14.46
C ARG A 104 -26.45 -14.26 15.32
N TYR A 105 -26.78 -14.86 16.45
CA TYR A 105 -25.77 -15.35 17.41
C TYR A 105 -24.97 -16.51 16.84
N ALA A 106 -25.69 -17.41 16.15
CA ALA A 106 -25.03 -18.50 15.45
C ALA A 106 -24.05 -17.96 14.40
N GLY A 107 -24.49 -16.99 13.60
CA GLY A 107 -23.63 -16.39 12.58
C GLY A 107 -22.43 -15.65 13.17
N MET A 108 -22.65 -14.94 14.28
CA MET A 108 -21.55 -14.24 14.93
C MET A 108 -20.48 -15.21 15.40
N ALA A 109 -20.92 -16.39 15.85
CA ALA A 109 -20.00 -17.42 16.33
C ALA A 109 -19.26 -18.09 15.15
N LEU A 110 -19.97 -18.30 14.04
CA LEU A 110 -19.33 -18.86 12.84
C LEU A 110 -18.29 -17.89 12.30
N THR A 111 -18.58 -16.60 12.44
CA THR A 111 -17.63 -15.58 12.00
C THR A 111 -16.34 -15.73 12.83
N ASN A 112 -16.51 -15.74 14.15
CA ASN A 112 -15.39 -15.81 15.07
C ASN A 112 -14.55 -17.08 14.86
N LEU A 113 -15.22 -18.18 14.56
CA LEU A 113 -14.54 -19.47 14.39
C LEU A 113 -13.95 -19.68 13.00
N THR A 114 -14.41 -18.91 12.01
CA THR A 114 -13.83 -18.97 10.68
C THR A 114 -12.60 -18.06 10.53
N PHE A 115 -12.56 -16.95 11.26
CA PHE A 115 -11.45 -15.99 11.12
C PHE A 115 -10.10 -16.65 11.20
N GLY A 116 -9.30 -16.51 10.14
CA GLY A 116 -7.94 -17.01 10.13
C GLY A 116 -7.80 -18.52 10.23
N ASP A 117 -8.94 -19.23 10.18
CA ASP A 117 -8.93 -20.68 10.38
C ASP A 117 -9.24 -21.43 9.08
N VAL A 118 -8.18 -21.95 8.48
CA VAL A 118 -8.25 -22.65 7.22
C VAL A 118 -9.26 -23.78 7.30
N ALA A 119 -9.05 -24.67 8.27
CA ALA A 119 -9.86 -25.89 8.40
C ALA A 119 -11.35 -25.59 8.63
N ASN A 120 -11.64 -24.61 9.47
CA ASN A 120 -13.03 -24.22 9.70
C ASN A 120 -13.73 -23.63 8.48
N LYS A 121 -13.06 -22.73 7.75
CA LYS A 121 -13.60 -22.21 6.48
C LYS A 121 -13.95 -23.33 5.49
N ALA A 122 -13.03 -24.27 5.28
CA ALA A 122 -13.28 -25.38 4.37
C ALA A 122 -14.40 -26.27 4.86
N THR A 123 -14.42 -26.55 6.16
CA THR A 123 -15.50 -27.34 6.75
C THR A 123 -16.87 -26.72 6.49
N LEU A 124 -17.01 -25.43 6.78
CA LEU A 124 -18.28 -24.75 6.58
C LEU A 124 -18.75 -24.76 5.11
N CYS A 125 -17.85 -24.44 4.18
CA CYS A 125 -18.15 -24.48 2.75
C CYS A 125 -18.50 -25.88 2.27
N SER A 126 -18.02 -26.91 2.94
CA SER A 126 -18.34 -28.24 2.50
C SER A 126 -19.75 -28.62 2.91
N MET A 127 -20.36 -27.82 3.78
CA MET A 127 -21.71 -28.09 4.26
C MET A 127 -22.71 -27.38 3.35
N LYS A 128 -23.09 -28.06 2.28
CA LYS A 128 -23.83 -27.45 1.18
C LYS A 128 -25.15 -26.82 1.61
N GLY A 129 -25.94 -27.59 2.35
CA GLY A 129 -27.25 -27.14 2.81
C GLY A 129 -27.16 -25.90 3.66
N CYS A 130 -26.14 -25.82 4.51
CA CYS A 130 -25.92 -24.63 5.32
C CYS A 130 -25.51 -23.42 4.48
N MET A 131 -24.57 -23.63 3.55
CA MET A 131 -24.16 -22.56 2.60
C MET A 131 -25.36 -21.98 1.86
N ARG A 132 -26.26 -22.86 1.42
CA ARG A 132 -27.52 -22.42 0.80
C ARG A 132 -28.39 -21.60 1.77
N ALA A 133 -28.41 -22.00 3.04
CA ALA A 133 -29.21 -21.29 4.04
C ALA A 133 -28.62 -19.92 4.33
N LEU A 134 -27.30 -19.88 4.54
CA LEU A 134 -26.59 -18.62 4.69
C LEU A 134 -26.97 -17.64 3.60
N VAL A 135 -26.86 -18.05 2.34
CA VAL A 135 -27.13 -17.17 1.20
C VAL A 135 -28.59 -16.69 1.14
N ALA A 136 -29.53 -17.60 1.41
CA ALA A 136 -30.93 -17.24 1.48
C ALA A 136 -31.20 -16.13 2.54
N GLN A 137 -30.47 -16.17 3.66
CA GLN A 137 -30.62 -15.16 4.72
C GLN A 137 -30.30 -13.74 4.27
N LEU A 138 -29.62 -13.58 3.13
CA LEU A 138 -29.30 -12.23 2.63
C LEU A 138 -30.56 -11.50 2.19
N LYS A 139 -31.66 -12.24 2.06
CA LYS A 139 -32.97 -11.64 1.75
C LYS A 139 -33.84 -11.44 2.98
N SER A 140 -33.26 -11.70 4.16
CA SER A 140 -33.92 -11.39 5.43
C SER A 140 -34.16 -9.88 5.57
N GLU A 141 -35.29 -9.50 6.15
CA GLU A 141 -35.61 -8.09 6.43
C GLU A 141 -34.79 -7.52 7.59
N SER A 142 -34.19 -8.42 8.38
CA SER A 142 -33.32 -8.05 9.47
C SER A 142 -31.95 -7.63 8.95
N GLU A 143 -31.66 -6.33 9.02
CA GLU A 143 -30.36 -5.83 8.60
C GLU A 143 -29.24 -6.36 9.48
N ASP A 144 -29.50 -6.49 10.77
CA ASP A 144 -28.50 -7.08 11.65
C ASP A 144 -28.16 -8.50 11.20
N LEU A 145 -29.17 -9.29 10.85
CA LEU A 145 -28.91 -10.62 10.35
C LEU A 145 -28.13 -10.58 9.03
N GLN A 146 -28.51 -9.68 8.14
CA GLN A 146 -27.82 -9.53 6.87
C GLN A 146 -26.33 -9.19 7.12
N GLN A 147 -26.08 -8.36 8.13
CA GLN A 147 -24.72 -7.93 8.44
C GLN A 147 -23.86 -9.13 8.88
N VAL A 148 -24.43 -9.94 9.75
CA VAL A 148 -23.77 -11.11 10.30
C VAL A 148 -23.45 -12.15 9.21
N ILE A 149 -24.42 -12.42 8.35
CA ILE A 149 -24.25 -13.39 7.28
C ILE A 149 -23.18 -12.97 6.29
N ALA A 150 -23.17 -11.67 5.96
CA ALA A 150 -22.15 -11.11 5.10
C ALA A 150 -20.78 -11.22 5.77
N SER A 151 -20.74 -11.14 7.10
CA SER A 151 -19.50 -11.31 7.84
C SER A 151 -18.96 -12.74 7.68
N VAL A 152 -19.85 -13.71 7.73
CA VAL A 152 -19.46 -15.11 7.54
C VAL A 152 -18.95 -15.31 6.10
N LEU A 153 -19.67 -14.75 5.13
CA LEU A 153 -19.31 -14.93 3.73
C LEU A 153 -17.98 -14.21 3.43
N ARG A 154 -17.78 -13.06 4.07
CA ARG A 154 -16.52 -12.33 4.00
C ARG A 154 -15.33 -13.20 4.43
N ASN A 155 -15.43 -13.85 5.57
CA ASN A 155 -14.35 -14.70 6.07
C ASN A 155 -14.12 -15.91 5.19
N LEU A 156 -15.22 -16.54 4.77
CA LEU A 156 -15.16 -17.72 3.92
C LEU A 156 -14.54 -17.44 2.54
N SER A 157 -14.61 -16.18 2.12
CA SER A 157 -14.16 -15.82 0.78
C SER A 157 -12.75 -15.23 0.77
N TRP A 158 -12.22 -14.92 1.95
CA TRP A 158 -10.86 -14.39 2.07
C TRP A 158 -9.87 -15.54 2.07
N ARG A 159 -8.96 -15.54 1.08
CA ARG A 159 -7.91 -16.56 0.95
C ARG A 159 -8.46 -17.99 1.04
N ALA A 160 -9.50 -18.26 0.26
CA ALA A 160 -10.14 -19.58 0.27
C ALA A 160 -9.44 -20.56 -0.69
N ASP A 161 -9.55 -21.85 -0.39
CA ASP A 161 -9.08 -22.87 -1.32
C ASP A 161 -10.05 -22.98 -2.50
N VAL A 162 -9.62 -23.70 -3.53
CA VAL A 162 -10.34 -23.75 -4.81
C VAL A 162 -11.76 -24.32 -4.71
N ASN A 163 -11.94 -25.39 -3.96
CA ASN A 163 -13.25 -26.01 -3.82
C ASN A 163 -14.27 -25.12 -3.10
N SER A 164 -13.83 -24.47 -2.01
CA SER A 164 -14.61 -23.44 -1.33
C SER A 164 -15.01 -22.29 -2.25
N LYS A 165 -14.07 -21.81 -3.06
CA LYS A 165 -14.34 -20.74 -4.02
C LYS A 165 -15.42 -21.15 -5.01
N LYS A 166 -15.32 -22.38 -5.52
CA LYS A 166 -16.35 -22.97 -6.37
C LYS A 166 -17.71 -23.06 -5.64
N THR A 167 -17.72 -23.61 -4.42
CA THR A 167 -18.97 -23.71 -3.65
C THR A 167 -19.62 -22.35 -3.42
N LEU A 168 -18.83 -21.36 -3.00
CA LEU A 168 -19.35 -19.99 -2.76
C LEU A 168 -20.03 -19.40 -4.01
N ARG A 169 -19.44 -19.64 -5.18
CA ARG A 169 -20.07 -19.30 -6.43
C ARG A 169 -21.32 -20.09 -6.76
N GLU A 170 -21.31 -21.40 -6.60
CA GLU A 170 -22.43 -22.27 -6.93
C GLU A 170 -23.71 -21.98 -6.13
N VAL A 171 -23.57 -21.62 -4.85
CA VAL A 171 -24.74 -21.36 -4.01
C VAL A 171 -25.29 -19.94 -4.23
N GLY A 172 -24.72 -19.21 -5.19
CA GLY A 172 -25.26 -17.91 -5.63
C GLY A 172 -24.94 -16.74 -4.73
N SER A 173 -23.80 -16.82 -4.02
CA SER A 173 -23.35 -15.77 -3.10
C SER A 173 -23.22 -14.39 -3.73
N VAL A 174 -22.71 -14.35 -4.95
CA VAL A 174 -22.33 -13.11 -5.59
C VAL A 174 -23.53 -12.26 -6.00
N LYS A 175 -24.46 -12.86 -6.70
CA LYS A 175 -25.65 -12.18 -7.06
C LYS A 175 -26.47 -11.77 -5.86
N ALA A 176 -26.54 -12.62 -4.86
CA ALA A 176 -27.28 -12.33 -3.63
C ALA A 176 -26.67 -11.14 -2.88
N LEU A 177 -25.34 -11.09 -2.84
CA LEU A 177 -24.64 -9.98 -2.17
C LEU A 177 -24.75 -8.67 -2.93
N MET A 178 -24.60 -8.71 -4.25
CA MET A 178 -24.80 -7.52 -5.07
C MET A 178 -26.22 -6.94 -4.96
N GLU A 179 -27.23 -7.80 -5.00
CA GLU A 179 -28.63 -7.36 -4.83
C GLU A 179 -28.86 -6.78 -3.43
N CYS A 180 -28.31 -7.46 -2.44
CA CYS A 180 -28.39 -7.05 -1.06
C CYS A 180 -27.79 -5.64 -0.89
N ALA A 181 -26.66 -5.39 -1.55
CA ALA A 181 -26.00 -4.08 -1.58
C ALA A 181 -26.83 -2.95 -2.18
N LEU A 182 -27.71 -3.24 -3.13
CA LEU A 182 -28.54 -2.20 -3.76
C LEU A 182 -29.73 -1.86 -2.88
N GLU A 183 -29.90 -2.65 -1.83
CA GLU A 183 -31.11 -2.69 -1.07
C GLU A 183 -30.95 -2.22 0.40
N VAL A 184 -29.89 -2.61 1.06
CA VAL A 184 -29.65 -2.36 2.46
C VAL A 184 -29.69 -0.86 2.86
N LYS A 185 -30.22 -0.55 4.03
CA LYS A 185 -30.37 0.87 4.40
C LYS A 185 -29.22 1.38 5.28
N LYS A 186 -28.65 0.51 6.10
CA LYS A 186 -27.68 0.94 7.12
C LYS A 186 -26.25 0.82 6.61
N GLU A 187 -25.45 1.83 6.90
CA GLU A 187 -24.05 1.83 6.49
C GLU A 187 -23.34 0.58 7.02
N SER A 188 -23.64 0.18 8.26
CA SER A 188 -22.98 -0.98 8.88
C SER A 188 -23.25 -2.26 8.10
N THR A 189 -24.47 -2.42 7.59
CA THR A 189 -24.81 -3.60 6.82
C THR A 189 -24.08 -3.58 5.46
N LEU A 190 -24.10 -2.41 4.82
CA LEU A 190 -23.46 -2.22 3.54
C LEU A 190 -21.95 -2.51 3.61
N LYS A 191 -21.31 -2.07 4.69
CA LYS A 191 -19.91 -2.30 4.92
C LYS A 191 -19.53 -3.79 4.79
N SER A 192 -20.19 -4.67 5.54
CA SER A 192 -19.87 -6.09 5.46
C SER A 192 -20.34 -6.79 4.16
N VAL A 193 -21.48 -6.37 3.64
CA VAL A 193 -21.92 -6.84 2.33
C VAL A 193 -20.85 -6.55 1.26
N LEU A 194 -20.34 -5.32 1.23
CA LEU A 194 -19.31 -4.92 0.27
C LEU A 194 -17.96 -5.61 0.52
N SER A 195 -17.64 -5.84 1.78
CA SER A 195 -16.40 -6.53 2.12
C SER A 195 -16.38 -7.93 1.51
N ALA A 196 -17.52 -8.61 1.60
CA ALA A 196 -17.62 -9.98 1.11
C ALA A 196 -17.55 -9.99 -0.42
N LEU A 197 -18.19 -8.99 -1.01
CA LEU A 197 -18.19 -8.84 -2.46
C LEU A 197 -16.79 -8.54 -2.99
N TRP A 198 -16.06 -7.72 -2.23
CA TRP A 198 -14.68 -7.39 -2.51
C TRP A 198 -13.87 -8.66 -2.63
N ASN A 199 -13.95 -9.53 -1.62
CA ASN A 199 -13.24 -10.82 -1.67
C ASN A 199 -13.72 -11.68 -2.85
N LEU A 200 -15.03 -11.88 -2.95
CA LEU A 200 -15.59 -12.76 -3.98
C LEU A 200 -15.34 -12.28 -5.41
N SER A 201 -15.33 -10.96 -5.62
CA SER A 201 -15.16 -10.44 -6.98
C SER A 201 -13.78 -10.79 -7.58
N ALA A 202 -12.80 -11.10 -6.74
CA ALA A 202 -11.48 -11.50 -7.20
C ALA A 202 -11.36 -12.97 -7.67
N HIS A 203 -12.31 -13.83 -7.27
CA HIS A 203 -12.15 -15.30 -7.35
C HIS A 203 -12.10 -15.87 -8.76
N CYS A 204 -13.01 -15.40 -9.62
CA CYS A 204 -13.11 -15.89 -10.99
C CYS A 204 -13.79 -14.85 -11.85
N THR A 205 -13.76 -15.05 -13.16
CA THR A 205 -14.38 -14.13 -14.10
C THR A 205 -15.91 -14.18 -14.04
N GLU A 206 -16.45 -15.36 -13.73
CA GLU A 206 -17.92 -15.55 -13.64
C GLU A 206 -18.54 -14.66 -12.56
N ASN A 207 -17.90 -14.59 -11.39
CA ASN A 207 -18.32 -13.71 -10.32
C ASN A 207 -18.39 -12.26 -10.77
N LYS A 208 -17.38 -11.83 -11.54
CA LYS A 208 -17.32 -10.47 -12.07
C LYS A 208 -18.46 -10.19 -13.04
N ALA A 209 -18.73 -11.15 -13.92
CA ALA A 209 -19.85 -11.05 -14.87
C ALA A 209 -21.19 -10.93 -14.13
N ASP A 210 -21.37 -11.74 -13.09
CA ASP A 210 -22.60 -11.71 -12.30
C ASP A 210 -22.83 -10.38 -11.63
N ILE A 211 -21.78 -9.78 -11.08
CA ILE A 211 -21.87 -8.45 -10.50
C ILE A 211 -22.26 -7.46 -11.59
N CYS A 212 -21.56 -7.49 -12.72
CA CYS A 212 -21.86 -6.55 -13.79
C CYS A 212 -23.26 -6.76 -14.38
N ALA A 213 -23.78 -8.00 -14.30
CA ALA A 213 -25.12 -8.32 -14.83
C ALA A 213 -26.27 -7.73 -14.00
N VAL A 214 -26.10 -7.57 -12.70
CA VAL A 214 -27.14 -6.99 -11.84
C VAL A 214 -27.49 -5.55 -12.25
N ASP A 215 -28.76 -5.33 -12.58
CA ASP A 215 -29.22 -4.03 -13.05
C ASP A 215 -28.88 -2.96 -12.02
N GLY A 216 -28.16 -1.93 -12.45
CA GLY A 216 -27.79 -0.83 -11.54
C GLY A 216 -26.55 -1.05 -10.68
N ALA A 217 -25.92 -2.22 -10.78
CA ALA A 217 -24.73 -2.50 -9.98
C ALA A 217 -23.56 -1.55 -10.28
N LEU A 218 -23.29 -1.32 -11.56
CA LEU A 218 -22.13 -0.48 -11.93
C LEU A 218 -22.29 0.97 -11.49
N ALA A 219 -23.46 1.55 -11.77
CA ALA A 219 -23.80 2.88 -11.29
C ALA A 219 -23.60 2.94 -9.77
N PHE A 220 -24.16 1.95 -9.08
CA PHE A 220 -23.99 1.91 -7.65
C PHE A 220 -22.49 1.94 -7.27
N LEU A 221 -21.70 1.04 -7.85
CA LEU A 221 -20.25 0.95 -7.52
C LEU A 221 -19.50 2.24 -7.74
N VAL A 222 -19.81 2.92 -8.84
CA VAL A 222 -19.23 4.23 -9.11
C VAL A 222 -19.63 5.21 -8.02
N GLY A 223 -20.90 5.14 -7.60
CA GLY A 223 -21.42 6.00 -6.52
C GLY A 223 -20.63 5.86 -5.22
N THR A 224 -20.23 4.63 -4.88
CA THR A 224 -19.45 4.40 -3.67
C THR A 224 -18.09 5.13 -3.67
N LEU A 225 -17.55 5.39 -4.86
CA LEU A 225 -16.28 6.13 -4.95
C LEU A 225 -16.34 7.53 -4.33
N THR A 226 -17.53 8.14 -4.29
CA THR A 226 -17.74 9.48 -3.75
C THR A 226 -18.75 9.46 -2.62
N TYR A 227 -18.88 8.30 -1.99
CA TYR A 227 -19.78 8.10 -0.87
C TYR A 227 -19.54 9.10 0.26
N ARG A 228 -20.62 9.71 0.76
CA ARG A 228 -20.52 10.71 1.83
C ARG A 228 -20.62 10.04 3.20
N SER A 229 -19.50 9.45 3.61
CA SER A 229 -19.34 8.76 4.90
C SER A 229 -19.25 9.77 6.04
N GLN A 230 -20.41 10.15 6.57
CA GLN A 230 -20.49 11.03 7.74
C GLN A 230 -20.26 10.27 9.06
N THR A 231 -19.91 8.99 8.94
CA THR A 231 -19.40 8.17 10.04
C THR A 231 -17.88 8.28 10.07
N ASN A 232 -17.33 9.15 9.23
CA ASN A 232 -15.92 9.55 9.26
C ASN A 232 -14.91 8.42 8.94
N THR A 233 -15.34 7.46 8.11
CA THR A 233 -14.45 6.38 7.64
C THR A 233 -14.40 6.30 6.11
N LEU A 234 -13.49 5.48 5.61
CA LEU A 234 -13.28 5.33 4.18
C LEU A 234 -13.68 3.92 3.76
N ALA A 235 -14.27 3.19 4.71
CA ALA A 235 -14.61 1.79 4.53
C ALA A 235 -15.41 1.51 3.24
N ILE A 236 -16.42 2.34 2.97
CA ILE A 236 -17.28 2.16 1.79
C ILE A 236 -16.54 2.51 0.49
N ILE A 237 -15.79 3.60 0.52
CA ILE A 237 -14.98 3.96 -0.64
C ILE A 237 -13.98 2.86 -0.97
N GLU A 238 -13.35 2.31 0.07
CA GLU A 238 -12.34 1.28 -0.12
C GLU A 238 -12.95 -0.01 -0.66
N SER A 239 -14.03 -0.47 -0.05
CA SER A 239 -14.71 -1.69 -0.49
C SER A 239 -15.37 -1.60 -1.87
N GLY A 240 -16.19 -0.58 -2.07
CA GLY A 240 -16.85 -0.35 -3.35
C GLY A 240 -15.83 -0.21 -4.47
N GLY A 241 -14.78 0.57 -4.20
CA GLY A 241 -13.72 0.76 -5.19
C GLY A 241 -12.85 -0.45 -5.39
N GLY A 242 -12.75 -1.33 -4.39
CA GLY A 242 -12.04 -2.60 -4.54
C GLY A 242 -12.80 -3.57 -5.43
N ILE A 243 -14.12 -3.63 -5.22
CA ILE A 243 -15.01 -4.37 -6.11
C ILE A 243 -14.92 -3.82 -7.54
N LEU A 244 -15.01 -2.49 -7.68
CA LEU A 244 -14.91 -1.88 -8.99
C LEU A 244 -13.56 -2.22 -9.67
N ARG A 245 -12.47 -2.13 -8.93
CA ARG A 245 -11.17 -2.50 -9.49
C ARG A 245 -11.19 -3.91 -10.02
N ASN A 246 -11.79 -4.82 -9.25
CA ASN A 246 -11.80 -6.23 -9.61
C ASN A 246 -12.61 -6.51 -10.89
N VAL A 247 -13.81 -5.92 -10.96
CA VAL A 247 -14.67 -6.10 -12.13
C VAL A 247 -14.26 -5.21 -13.30
N SER A 248 -13.37 -4.25 -13.06
CA SER A 248 -12.94 -3.36 -14.12
C SER A 248 -12.29 -4.11 -15.28
N SER A 249 -11.60 -5.21 -15.02
CA SER A 249 -10.99 -6.00 -16.09
C SER A 249 -12.01 -6.52 -17.11
N LEU A 250 -13.25 -6.73 -16.67
CA LEU A 250 -14.33 -7.19 -17.56
C LEU A 250 -15.04 -5.98 -18.14
N ILE A 251 -15.22 -4.96 -17.34
CA ILE A 251 -15.80 -3.70 -17.83
C ILE A 251 -15.00 -3.20 -19.05
N ALA A 252 -13.68 -3.31 -18.98
CA ALA A 252 -12.81 -2.81 -20.04
C ALA A 252 -13.18 -3.37 -21.41
N THR A 253 -13.73 -4.58 -21.43
CA THR A 253 -14.08 -5.29 -22.67
C THR A 253 -15.55 -5.10 -23.05
N ASN A 254 -16.21 -4.12 -22.43
CA ASN A 254 -17.64 -3.94 -22.61
C ASN A 254 -17.98 -2.47 -22.75
N GLU A 255 -18.26 -2.07 -23.98
CA GLU A 255 -18.55 -0.69 -24.35
C GLU A 255 -19.72 -0.08 -23.58
N ASP A 256 -20.79 -0.85 -23.43
CA ASP A 256 -21.98 -0.41 -22.70
C ASP A 256 -21.63 -0.14 -21.24
N HIS A 257 -20.84 -1.05 -20.66
CA HIS A 257 -20.43 -0.91 -19.26
C HIS A 257 -19.51 0.28 -19.06
N ARG A 258 -18.53 0.45 -19.97
CA ARG A 258 -17.72 1.65 -20.03
C ARG A 258 -18.54 2.92 -20.06
N GLN A 259 -19.61 2.90 -20.87
CA GLN A 259 -20.48 4.06 -21.04
C GLN A 259 -21.19 4.40 -19.73
N ILE A 260 -21.69 3.38 -19.03
CA ILE A 260 -22.30 3.56 -17.71
C ILE A 260 -21.30 4.24 -16.76
N LEU A 261 -20.03 3.86 -16.84
CA LEU A 261 -18.99 4.52 -16.04
C LEU A 261 -18.82 5.97 -16.47
N ARG A 262 -18.78 6.20 -17.79
CA ARG A 262 -18.61 7.58 -18.29
C ARG A 262 -19.74 8.47 -17.81
N GLU A 263 -20.96 7.94 -17.87
CA GLU A 263 -22.18 8.66 -17.48
C GLU A 263 -22.21 9.01 -15.99
N ASN A 264 -21.35 8.36 -15.22
CA ASN A 264 -21.22 8.65 -13.80
C ASN A 264 -19.86 9.25 -13.43
N ASN A 265 -19.11 9.69 -14.44
CA ASN A 265 -17.84 10.42 -14.26
C ASN A 265 -16.80 9.62 -13.48
N CYS A 266 -16.73 8.32 -13.79
CA CYS A 266 -15.86 7.40 -13.10
C CYS A 266 -14.40 7.81 -13.22
N LEU A 267 -13.96 8.02 -14.45
CA LEU A 267 -12.58 8.42 -14.70
C LEU A 267 -12.13 9.64 -13.91
N GLN A 268 -12.87 10.75 -13.99
CA GLN A 268 -12.65 11.96 -13.18
C GLN A 268 -12.43 11.64 -11.69
N THR A 269 -13.33 10.83 -11.13
CA THR A 269 -13.26 10.49 -9.72
C THR A 269 -12.02 9.63 -9.42
N LEU A 270 -11.72 8.68 -10.32
CA LEU A 270 -10.57 7.81 -10.15
C LEU A 270 -9.28 8.63 -10.08
N LEU A 271 -9.17 9.65 -10.94
CA LEU A 271 -8.06 10.58 -10.88
C LEU A 271 -7.91 11.30 -9.53
N GLN A 272 -9.01 11.79 -8.96
CA GLN A 272 -8.95 12.37 -7.61
C GLN A 272 -8.57 11.38 -6.51
N HIS A 273 -8.97 10.12 -6.66
CA HIS A 273 -8.54 9.04 -5.74
C HIS A 273 -7.04 8.81 -5.78
N LEU A 274 -6.39 9.22 -6.86
CA LEU A 274 -4.93 9.15 -6.92
C LEU A 274 -4.29 10.04 -5.87
N LYS A 275 -5.01 11.10 -5.47
CA LYS A 275 -4.54 12.05 -4.45
C LYS A 275 -4.87 11.66 -3.01
N SER A 276 -5.57 10.54 -2.83
CA SER A 276 -6.06 10.13 -1.52
C SER A 276 -4.93 9.72 -0.60
N HIS A 277 -5.12 9.93 0.71
CA HIS A 277 -4.12 9.55 1.69
C HIS A 277 -4.16 8.06 1.97
N SER A 278 -5.30 7.44 1.66
CA SER A 278 -5.48 6.02 1.84
C SER A 278 -4.82 5.28 0.70
N LEU A 279 -3.82 4.47 1.04
CA LEU A 279 -3.13 3.63 0.07
C LEU A 279 -4.05 2.60 -0.58
N THR A 280 -5.06 2.16 0.17
CA THR A 280 -6.04 1.20 -0.33
C THR A 280 -6.79 1.84 -1.51
N ILE A 281 -7.29 3.06 -1.28
CA ILE A 281 -7.98 3.83 -2.31
C ILE A 281 -7.10 4.04 -3.54
N VAL A 282 -5.89 4.55 -3.32
CA VAL A 282 -4.97 4.81 -4.43
C VAL A 282 -4.73 3.51 -5.21
N SER A 283 -4.48 2.43 -4.48
CA SER A 283 -4.26 1.13 -5.07
C SER A 283 -5.44 0.66 -5.92
N ASN A 284 -6.65 0.77 -5.38
CA ASN A 284 -7.86 0.41 -6.13
C ASN A 284 -7.95 1.23 -7.44
N ALA A 285 -7.79 2.54 -7.33
CA ALA A 285 -7.91 3.43 -8.50
C ALA A 285 -6.86 3.15 -9.58
N CYS A 286 -5.63 2.88 -9.16
CA CYS A 286 -4.56 2.47 -10.08
C CYS A 286 -4.91 1.20 -10.88
N GLY A 287 -5.46 0.21 -10.18
CA GLY A 287 -5.86 -1.03 -10.83
C GLY A 287 -6.97 -0.75 -11.83
N THR A 288 -7.95 0.04 -11.42
CA THR A 288 -9.08 0.38 -12.29
C THR A 288 -8.63 1.16 -13.53
N LEU A 289 -7.71 2.10 -13.32
CA LEU A 289 -7.17 2.91 -14.42
C LEU A 289 -6.29 2.07 -15.33
N TRP A 290 -5.60 1.10 -14.75
CA TRP A 290 -4.83 0.14 -15.51
C TRP A 290 -5.73 -0.50 -16.58
N ASN A 291 -6.86 -1.04 -16.16
CA ASN A 291 -7.79 -1.72 -17.08
C ASN A 291 -8.51 -0.79 -18.05
N LEU A 292 -9.01 0.34 -17.54
CA LEU A 292 -9.81 1.26 -18.35
C LEU A 292 -8.96 2.04 -19.37
N SER A 293 -7.68 2.25 -19.05
CA SER A 293 -6.76 2.93 -19.96
C SER A 293 -6.20 2.00 -21.05
N ALA A 294 -6.49 0.71 -20.96
CA ALA A 294 -6.00 -0.22 -21.95
C ALA A 294 -6.92 -0.27 -23.16
N ARG A 295 -6.31 -0.25 -24.34
CA ARG A 295 -7.01 -0.56 -25.58
C ARG A 295 -8.37 0.10 -25.73
N ASN A 296 -8.45 1.39 -25.38
CA ASN A 296 -9.62 2.19 -25.60
C ASN A 296 -9.23 3.64 -25.87
N PRO A 297 -9.17 4.03 -27.17
CA PRO A 297 -8.77 5.40 -27.54
C PRO A 297 -9.59 6.48 -26.84
N LYS A 298 -10.90 6.27 -26.72
CA LYS A 298 -11.82 7.26 -26.16
C LYS A 298 -11.48 7.61 -24.71
N ASP A 299 -11.33 6.58 -23.89
CA ASP A 299 -11.04 6.77 -22.48
C ASP A 299 -9.59 7.21 -22.26
N GLN A 300 -8.69 6.72 -23.11
CA GLN A 300 -7.29 7.15 -23.07
C GLN A 300 -7.22 8.64 -23.35
N GLU A 301 -8.03 9.10 -24.29
CA GLU A 301 -8.10 10.50 -24.69
C GLU A 301 -8.64 11.37 -23.54
N ALA A 302 -9.76 10.96 -22.96
CA ALA A 302 -10.32 11.65 -21.79
C ALA A 302 -9.29 11.78 -20.66
N LEU A 303 -8.63 10.65 -20.37
CA LEU A 303 -7.58 10.62 -19.34
C LEU A 303 -6.44 11.59 -19.63
N TRP A 304 -5.97 11.61 -20.88
CA TRP A 304 -4.98 12.61 -21.28
C TRP A 304 -5.48 14.03 -20.98
N ASP A 305 -6.70 14.33 -21.42
CA ASP A 305 -7.24 15.68 -21.29
C ASP A 305 -7.53 16.08 -19.85
N MET A 306 -7.76 15.11 -18.98
CA MET A 306 -7.97 15.39 -17.55
C MET A 306 -6.67 15.45 -16.75
N GLY A 307 -5.52 15.37 -17.45
CA GLY A 307 -4.21 15.46 -16.82
C GLY A 307 -3.76 14.25 -16.03
N ALA A 308 -4.17 13.06 -16.46
CA ALA A 308 -3.79 11.79 -15.81
C ALA A 308 -2.30 11.60 -15.72
N VAL A 309 -1.58 11.87 -16.81
CA VAL A 309 -0.14 11.64 -16.88
C VAL A 309 0.61 12.17 -15.64
N SER A 310 0.43 13.47 -15.34
CA SER A 310 1.04 14.12 -14.18
C SER A 310 0.68 13.47 -12.86
N MET A 311 -0.58 13.07 -12.72
CA MET A 311 -1.05 12.41 -11.51
C MET A 311 -0.51 11.01 -11.35
N LEU A 312 -0.28 10.31 -12.46
CA LEU A 312 0.21 8.93 -12.43
C LEU A 312 1.74 8.80 -12.29
N LYS A 313 2.50 9.72 -12.91
CA LYS A 313 3.96 9.62 -12.95
C LYS A 313 4.60 9.61 -11.55
N ASN A 314 3.99 10.30 -10.60
CA ASN A 314 4.55 10.41 -9.26
C ASN A 314 4.21 9.24 -8.35
N LEU A 315 3.58 8.22 -8.92
CA LEU A 315 3.17 7.02 -8.17
C LEU A 315 3.97 5.79 -8.56
N ILE A 316 4.76 5.90 -9.63
CA ILE A 316 5.45 4.71 -10.15
C ILE A 316 6.53 4.18 -9.21
N HIS A 317 6.98 5.01 -8.28
CA HIS A 317 8.01 4.59 -7.33
C HIS A 317 7.45 4.27 -5.94
N SER A 318 6.12 4.24 -5.81
CA SER A 318 5.48 3.90 -4.55
C SER A 318 5.99 2.55 -4.04
N LYS A 319 6.11 2.42 -2.72
CA LYS A 319 6.56 1.17 -2.09
C LYS A 319 5.51 0.05 -2.18
N HIS A 320 4.26 0.43 -2.37
CA HIS A 320 3.14 -0.50 -2.53
C HIS A 320 3.15 -1.03 -3.97
N LYS A 321 3.38 -2.33 -4.14
CA LYS A 321 3.58 -2.93 -5.46
C LYS A 321 2.40 -2.68 -6.43
N MET A 322 1.17 -2.84 -5.97
CA MET A 322 -0.01 -2.57 -6.82
C MET A 322 -0.07 -1.13 -7.34
N ILE A 323 0.26 -0.14 -6.50
CA ILE A 323 0.28 1.27 -6.93
C ILE A 323 1.37 1.54 -7.97
N ALA A 324 2.57 1.02 -7.70
CA ALA A 324 3.71 1.18 -8.59
C ALA A 324 3.43 0.59 -9.97
N MET A 325 3.03 -0.67 -9.99
CA MET A 325 2.77 -1.37 -11.25
C MET A 325 1.54 -0.86 -11.97
N GLY A 326 0.47 -0.60 -11.21
CA GLY A 326 -0.80 -0.17 -11.78
C GLY A 326 -0.67 1.20 -12.41
N SER A 327 -0.05 2.12 -11.67
CA SER A 327 0.19 3.46 -12.19
C SER A 327 1.16 3.40 -13.38
N ALA A 328 2.19 2.57 -13.28
CA ALA A 328 3.16 2.45 -14.38
C ALA A 328 2.48 1.89 -15.64
N ALA A 329 1.68 0.83 -15.47
CA ALA A 329 0.98 0.24 -16.59
C ALA A 329 -0.03 1.21 -17.22
N ALA A 330 -0.74 1.95 -16.39
CA ALA A 330 -1.70 2.92 -16.90
C ALA A 330 -0.97 4.01 -17.69
N LEU A 331 0.11 4.53 -17.11
CA LEU A 331 0.95 5.51 -17.79
C LEU A 331 1.45 5.02 -19.15
N ARG A 332 1.87 3.75 -19.23
CA ARG A 332 2.36 3.17 -20.48
C ARG A 332 1.24 3.00 -21.50
N ASN A 333 0.03 2.69 -21.01
CA ASN A 333 -1.15 2.61 -21.87
C ASN A 333 -1.46 3.96 -22.53
N LEU A 334 -1.26 5.05 -21.79
CA LEU A 334 -1.44 6.38 -22.36
C LEU A 334 -0.32 6.80 -23.31
N MET A 335 0.91 6.33 -23.04
CA MET A 335 2.10 6.72 -23.82
C MET A 335 2.27 5.94 -25.12
N ALA A 336 1.71 4.73 -25.19
CA ALA A 336 1.84 3.89 -26.39
C ALA A 336 1.29 4.58 -27.64
N SER B 15 -5.40 -6.02 -8.07
CA SER B 15 -6.23 -7.22 -8.39
C SER B 15 -6.08 -8.25 -7.28
N TYR B 16 -6.90 -8.09 -6.24
CA TYR B 16 -6.89 -8.92 -5.03
C TYR B 16 -8.14 -8.73 -4.15
N GLU B 17 -8.20 -9.51 -3.07
CA GLU B 17 -9.31 -9.48 -2.13
C GLU B 17 -9.19 -8.33 -1.10
N GLY B 18 -10.21 -8.17 -0.27
CA GLY B 18 -10.23 -7.13 0.77
C GLY B 18 -9.66 -7.52 2.11
N TYR B 19 -10.44 -8.22 2.92
CA TYR B 19 -10.06 -8.59 4.31
C TYR B 19 -11.01 -9.61 4.95
N GLU B 20 -10.60 -10.16 6.09
CA GLU B 20 -11.43 -10.96 6.98
C GLU B 20 -11.40 -10.37 8.40
N GLY B 21 -12.31 -10.81 9.27
CA GLY B 21 -12.44 -10.24 10.63
C GLY B 21 -13.20 -11.08 11.66
N TYR B 22 -13.21 -10.57 12.90
CA TYR B 22 -13.86 -11.19 14.06
C TYR B 22 -15.20 -10.55 14.35
N TYR B 23 -15.25 -9.21 14.22
CA TYR B 23 -16.36 -8.37 14.70
C TYR B 23 -17.69 -9.05 14.46
N SER B 24 -18.61 -8.96 15.43
CA SER B 24 -19.94 -9.59 15.33
C SER B 24 -20.11 -10.43 14.04
N ARG C 7 -8.14 8.00 21.57
CA ARG C 7 -7.91 9.16 20.66
C ARG C 7 -6.40 9.40 20.46
N GLU C 8 -6.07 10.63 20.03
CA GLU C 8 -4.69 11.13 19.84
C GLU C 8 -3.93 11.38 21.15
N ILE C 9 -4.57 11.04 22.26
CA ILE C 9 -3.98 11.09 23.60
C ILE C 9 -2.77 10.17 23.64
N ARG C 10 -2.86 9.04 22.93
CA ARG C 10 -1.79 8.07 22.89
C ARG C 10 -0.52 8.68 22.33
N VAL C 11 -0.66 9.43 21.24
CA VAL C 11 0.48 10.07 20.60
C VAL C 11 1.06 11.13 21.53
N LEU C 12 0.19 11.92 22.14
CA LEU C 12 0.59 12.96 23.08
C LEU C 12 1.52 12.44 24.18
N HIS C 13 1.13 11.33 24.80
CA HIS C 13 1.89 10.71 25.90
C HIS C 13 3.28 10.22 25.46
N LEU C 14 3.37 9.71 24.23
CA LEU C 14 4.66 9.29 23.67
C LEU C 14 5.60 10.46 23.45
N LEU C 15 5.09 11.56 22.87
CA LEU C 15 5.90 12.75 22.63
C LEU C 15 6.37 13.41 23.93
N GLU C 16 5.50 13.38 24.95
CA GLU C 16 5.85 13.89 26.29
C GLU C 16 7.05 13.13 26.84
N GLN C 17 7.03 11.81 26.62
CA GLN C 17 8.08 10.91 27.06
C GLN C 17 9.46 11.20 26.41
N ILE C 18 9.48 11.44 25.11
CA ILE C 18 10.76 11.76 24.44
C ILE C 18 11.22 13.19 24.72
N ARG C 19 10.26 14.11 24.80
CA ARG C 19 10.54 15.49 25.19
C ARG C 19 11.17 15.58 26.57
N ALA C 20 10.61 14.85 27.55
CA ALA C 20 11.18 14.83 28.90
C ALA C 20 12.60 14.27 28.88
N TYR C 21 12.82 13.26 28.05
CA TYR C 21 14.14 12.72 27.87
C TYR C 21 15.09 13.73 27.19
N CYS C 22 14.59 14.43 26.18
CA CYS C 22 15.40 15.45 25.48
C CYS C 22 15.83 16.56 26.42
N GLU C 23 14.91 16.98 27.30
CA GLU C 23 15.18 18.03 28.27
C GLU C 23 16.38 17.65 29.15
N THR C 24 16.44 16.37 29.52
CA THR C 24 17.52 15.82 30.32
C THR C 24 18.85 15.87 29.57
N CYS C 25 18.80 15.52 28.28
CA CYS C 25 19.98 15.58 27.42
C CYS C 25 20.46 17.01 27.13
N TRP C 26 19.51 17.90 26.90
CA TRP C 26 19.82 19.31 26.63
C TRP C 26 20.53 19.95 27.82
N GLU C 27 19.94 19.77 29.01
CA GLU C 27 20.57 20.21 30.24
C GLU C 27 22.01 19.69 30.35
N TRP C 28 22.21 18.40 30.07
CA TRP C 28 23.54 17.80 30.16
C TRP C 28 24.50 18.45 29.17
N GLN C 29 24.05 18.57 27.92
CA GLN C 29 24.89 19.14 26.87
C GLN C 29 25.13 20.65 27.03
N GLU C 30 24.12 21.39 27.48
CA GLU C 30 24.14 22.87 27.44
C GLU C 30 24.55 23.58 28.75
N ALA C 31 24.38 22.91 29.88
CA ALA C 31 24.56 23.58 31.17
C ALA C 31 25.47 22.82 32.15
N HIS C 32 26.27 21.90 31.62
CA HIS C 32 27.07 21.00 32.45
C HIS C 32 28.48 20.81 31.88
N GLU C 33 29.49 21.35 32.59
CA GLU C 33 30.90 21.22 32.20
C GLU C 33 31.45 19.79 32.39
N PRO C 34 32.42 19.37 31.54
CA PRO C 34 32.95 18.00 31.51
C PRO C 34 33.58 17.51 32.82
N PRO C 42 28.13 10.80 29.29
CA PRO C 42 26.85 11.47 29.37
C PRO C 42 25.96 10.84 30.43
N MET C 43 25.44 11.64 31.36
CA MET C 43 24.53 11.10 32.38
C MET C 43 23.22 10.54 31.79
N PRO C 44 22.71 11.13 30.69
CA PRO C 44 21.57 10.51 30.03
C PRO C 44 21.98 9.50 28.97
N ALA C 45 21.45 8.28 29.12
CA ALA C 45 21.52 7.23 28.09
C ALA C 45 20.11 6.70 27.85
N PRO C 46 19.70 6.62 26.57
CA PRO C 46 18.29 6.37 26.33
C PRO C 46 17.79 4.98 26.80
N VAL C 47 18.68 4.00 26.80
CA VAL C 47 18.34 2.63 27.26
C VAL C 47 17.81 2.64 28.70
N GLU C 48 18.36 3.53 29.52
CA GLU C 48 17.96 3.64 30.93
C GLU C 48 16.64 4.39 31.10
N HIS C 49 15.99 4.75 30.00
CA HIS C 49 14.74 5.49 30.08
C HIS C 49 13.68 4.99 29.12
N GLN C 50 13.90 3.79 28.60
CA GLN C 50 12.91 3.10 27.76
C GLN C 50 12.47 3.97 26.60
N ILE C 51 13.43 4.67 26.02
CA ILE C 51 13.13 5.60 24.93
C ILE C 51 12.88 4.88 23.61
N CYS C 52 13.66 3.84 23.33
CA CYS C 52 13.51 3.19 22.04
C CYS C 52 12.10 2.65 21.82
N PRO C 53 11.48 2.00 22.84
CA PRO C 53 10.10 1.56 22.61
C PRO C 53 9.14 2.71 22.27
N ALA C 54 9.30 3.87 22.90
CA ALA C 54 8.50 5.04 22.54
C ALA C 54 8.65 5.41 21.07
N VAL C 55 9.90 5.47 20.59
CA VAL C 55 10.20 5.76 19.18
C VAL C 55 9.62 4.68 18.26
N CYS C 56 9.73 3.42 18.68
CA CYS C 56 9.17 2.28 17.93
C CYS C 56 7.67 2.46 17.63
N VAL C 57 6.88 2.62 18.69
CA VAL C 57 5.44 2.77 18.53
C VAL C 57 5.13 3.96 17.63
N LEU C 58 5.86 5.03 17.84
CA LEU C 58 5.72 6.22 17.04
C LEU C 58 6.08 5.96 15.55
N MET C 59 7.14 5.20 15.32
CA MET C 59 7.51 4.79 13.99
C MET C 59 6.35 3.99 13.35
N LYS C 60 5.82 3.00 14.08
CA LYS C 60 4.74 2.17 13.57
C LYS C 60 3.48 2.98 13.23
N LEU C 61 3.09 3.87 14.13
CA LEU C 61 1.94 4.74 13.95
C LEU C 61 2.14 5.75 12.81
N SER C 62 3.40 6.09 12.52
CA SER C 62 3.68 7.06 11.46
C SER C 62 3.29 6.51 10.09
N PHE C 63 3.08 5.20 10.01
CA PHE C 63 2.56 4.57 8.78
C PHE C 63 1.09 4.84 8.52
N ASP C 64 0.40 5.43 9.50
CA ASP C 64 -1.03 5.62 9.44
C ASP C 64 -1.39 7.11 9.35
N GLU C 65 -2.16 7.48 8.33
CA GLU C 65 -2.49 8.89 8.09
C GLU C 65 -3.19 9.58 9.26
N GLU C 66 -4.10 8.85 9.92
CA GLU C 66 -4.82 9.37 11.08
C GLU C 66 -3.85 9.74 12.20
N HIS C 67 -2.88 8.85 12.44
CA HIS C 67 -1.89 9.08 13.48
C HIS C 67 -0.83 10.10 13.06
N ARG C 68 -0.57 10.21 11.75
CA ARG C 68 0.37 11.23 11.28
C ARG C 68 -0.22 12.58 11.57
N HIS C 69 -1.52 12.72 11.30
CA HIS C 69 -2.22 13.98 11.54
C HIS C 69 -2.10 14.39 13.00
N ALA C 70 -2.33 13.46 13.92
CA ALA C 70 -2.19 13.74 15.35
C ALA C 70 -0.77 14.19 15.70
N MET C 71 0.23 13.49 15.17
CA MET C 71 1.64 13.87 15.35
C MET C 71 1.90 15.31 14.88
N ASN C 72 1.32 15.65 13.72
CA ASN C 72 1.50 16.97 13.16
C ASN C 72 0.87 18.10 13.99
N GLU C 73 -0.28 17.83 14.61
CA GLU C 73 -0.93 18.78 15.54
C GLU C 73 -0.07 19.04 16.78
N LEU C 74 0.81 18.10 17.09
CA LEU C 74 1.57 18.15 18.34
C LEU C 74 3.07 18.34 18.12
N GLY C 75 3.49 18.51 16.87
CA GLY C 75 4.89 18.79 16.54
C GLY C 75 5.75 17.56 16.72
N GLY C 76 5.20 16.42 16.31
CA GLY C 76 5.87 15.13 16.43
C GLY C 76 7.17 15.09 15.64
N LEU C 77 7.13 15.60 14.41
CA LEU C 77 8.30 15.64 13.54
C LEU C 77 9.48 16.30 14.25
N GLN C 78 9.25 17.48 14.84
CA GLN C 78 10.31 18.20 15.57
C GLN C 78 10.89 17.42 16.78
N ALA C 79 10.00 16.92 17.64
CA ALA C 79 10.38 16.11 18.79
C ALA C 79 11.20 14.86 18.41
N ILE C 80 10.76 14.16 17.37
CA ILE C 80 11.50 13.00 16.91
C ILE C 80 12.88 13.39 16.37
N ALA C 81 12.93 14.46 15.59
CA ALA C 81 14.19 14.93 15.05
C ALA C 81 15.15 15.45 16.14
N GLU C 82 14.60 16.14 17.13
CA GLU C 82 15.41 16.63 18.26
C GLU C 82 16.07 15.46 19.01
N LEU C 83 15.31 14.39 19.20
CA LEU C 83 15.83 13.22 19.87
C LEU C 83 16.94 12.61 19.03
N LEU C 84 16.69 12.44 17.74
CA LEU C 84 17.69 11.88 16.86
C LEU C 84 18.95 12.73 16.94
N GLN C 85 18.78 14.05 16.87
CA GLN C 85 19.91 14.97 16.85
C GLN C 85 20.74 14.87 18.13
N VAL C 86 20.05 14.97 19.27
CA VAL C 86 20.73 15.02 20.56
C VAL C 86 21.46 13.69 20.85
N ASP C 87 20.87 12.57 20.44
CA ASP C 87 21.54 11.29 20.60
C ASP C 87 22.80 11.18 19.75
N CYS C 88 22.75 11.67 18.51
CA CYS C 88 23.94 11.69 17.64
C CYS C 88 25.00 12.63 18.17
N GLU C 89 24.56 13.73 18.80
CA GLU C 89 25.53 14.69 19.36
C GLU C 89 26.24 14.13 20.58
N MET C 90 25.48 13.47 21.44
CA MET C 90 26.03 12.94 22.69
C MET C 90 26.96 11.75 22.44
N TYR C 91 26.60 10.85 21.52
CA TYR C 91 27.29 9.57 21.38
C TYR C 91 28.07 9.36 20.07
N GLY C 92 27.85 10.24 19.09
CA GLY C 92 28.52 10.12 17.80
C GLY C 92 28.17 8.81 17.11
N LEU C 93 29.07 8.33 16.26
CA LEU C 93 28.92 7.05 15.62
C LEU C 93 29.22 5.96 16.65
N THR C 94 28.26 5.09 16.88
CA THR C 94 28.42 4.06 17.91
C THR C 94 27.90 2.71 17.43
N ASN C 95 28.70 1.68 17.64
CA ASN C 95 28.27 0.33 17.31
C ASN C 95 27.51 -0.17 18.52
N ASP C 96 26.26 0.29 18.60
CA ASP C 96 25.39 0.02 19.73
C ASP C 96 24.02 -0.35 19.19
N HIS C 97 23.63 -1.61 19.34
CA HIS C 97 22.39 -2.09 18.74
C HIS C 97 21.18 -1.25 19.18
N TYR C 98 21.14 -0.89 20.46
CA TYR C 98 20.03 -0.12 20.99
C TYR C 98 19.98 1.26 20.38
N SER C 99 21.14 1.89 20.24
CA SER C 99 21.26 3.24 19.70
C SER C 99 20.97 3.29 18.21
N ILE C 100 21.47 2.30 17.47
CA ILE C 100 21.28 2.23 16.03
C ILE C 100 19.82 2.02 15.71
N THR C 101 19.15 1.14 16.45
CA THR C 101 17.72 0.89 16.27
C THR C 101 16.89 2.13 16.59
N LEU C 102 17.24 2.82 17.66
CA LEU C 102 16.61 4.10 18.02
C LEU C 102 16.70 5.12 16.88
N ARG C 103 17.89 5.28 16.31
CA ARG C 103 18.07 6.24 15.22
C ARG C 103 17.32 5.78 13.97
N ARG C 104 17.29 4.46 13.72
CA ARG C 104 16.57 3.91 12.58
C ARG C 104 15.06 4.15 12.68
N TYR C 105 14.49 3.88 13.85
CA TYR C 105 13.06 4.07 14.07
C TYR C 105 12.68 5.53 13.94
N ALA C 106 13.52 6.40 14.48
CA ALA C 106 13.32 7.85 14.34
C ALA C 106 13.34 8.23 12.86
N GLY C 107 14.36 7.74 12.15
CA GLY C 107 14.52 8.05 10.73
C GLY C 107 13.32 7.61 9.91
N MET C 108 12.84 6.40 10.18
CA MET C 108 11.67 5.85 9.48
C MET C 108 10.46 6.76 9.68
N ALA C 109 10.30 7.26 10.89
CA ALA C 109 9.17 8.11 11.23
C ALA C 109 9.33 9.46 10.55
N LEU C 110 10.54 10.01 10.55
CA LEU C 110 10.80 11.25 9.84
C LEU C 110 10.56 11.08 8.34
N THR C 111 10.90 9.90 7.80
CA THR C 111 10.61 9.60 6.39
C THR C 111 9.11 9.65 6.09
N ASN C 112 8.31 9.02 6.96
CA ASN C 112 6.86 8.98 6.82
C ASN C 112 6.20 10.34 7.01
N LEU C 113 6.74 11.13 7.94
CA LEU C 113 6.18 12.46 8.19
C LEU C 113 6.60 13.52 7.16
N THR C 114 7.67 13.28 6.42
CA THR C 114 8.07 14.23 5.41
C THR C 114 7.42 13.99 4.06
N PHE C 115 7.08 12.73 3.75
CA PHE C 115 6.53 12.42 2.42
C PHE C 115 5.39 13.36 2.07
N GLY C 116 5.53 14.03 0.93
CA GLY C 116 4.47 14.89 0.39
C GLY C 116 3.98 15.96 1.35
N ASP C 117 4.79 16.30 2.35
CA ASP C 117 4.46 17.31 3.35
C ASP C 117 5.46 18.45 3.27
N VAL C 118 5.03 19.54 2.62
CA VAL C 118 5.81 20.78 2.44
C VAL C 118 6.34 21.39 3.76
N ALA C 119 5.45 21.52 4.74
CA ALA C 119 5.82 22.12 6.05
C ALA C 119 6.85 21.27 6.77
N ASN C 120 6.61 19.96 6.82
CA ASN C 120 7.53 19.08 7.50
C ASN C 120 8.92 19.04 6.86
N LYS C 121 9.00 19.05 5.53
CA LYS C 121 10.29 19.08 4.83
C LYS C 121 11.04 20.35 5.17
N ALA C 122 10.33 21.48 5.16
CA ALA C 122 10.93 22.78 5.48
C ALA C 122 11.41 22.79 6.92
N THR C 123 10.54 22.38 7.84
CA THR C 123 10.90 22.30 9.25
C THR C 123 12.14 21.42 9.47
N LEU C 124 12.17 20.24 8.87
CA LEU C 124 13.32 19.35 9.10
C LEU C 124 14.64 19.93 8.57
N CYS C 125 14.60 20.57 7.41
CA CYS C 125 15.77 21.20 6.87
C CYS C 125 16.24 22.38 7.70
N SER C 126 15.30 23.10 8.30
CA SER C 126 15.66 24.27 9.11
C SER C 126 16.38 23.86 10.39
N MET C 127 16.33 22.56 10.69
CA MET C 127 16.91 22.00 11.89
C MET C 127 18.32 21.59 11.55
N LYS C 128 19.19 22.59 11.40
CA LYS C 128 20.55 22.39 10.89
C LYS C 128 21.39 21.41 11.70
N GLY C 129 21.24 21.42 13.02
CA GLY C 129 21.92 20.47 13.88
C GLY C 129 21.50 19.04 13.56
N CYS C 130 20.22 18.82 13.31
CA CYS C 130 19.72 17.51 12.94
C CYS C 130 20.22 17.07 11.55
N MET C 131 20.24 18.02 10.61
CA MET C 131 20.78 17.79 9.28
C MET C 131 22.25 17.39 9.31
N ARG C 132 23.05 18.07 10.12
CA ARG C 132 24.46 17.74 10.27
C ARG C 132 24.59 16.29 10.78
N ALA C 133 23.74 15.93 11.75
CA ALA C 133 23.77 14.60 12.37
C ALA C 133 23.35 13.50 11.40
N LEU C 134 22.30 13.74 10.60
CA LEU C 134 21.84 12.81 9.56
C LEU C 134 22.95 12.49 8.59
N VAL C 135 23.57 13.54 8.04
CA VAL C 135 24.67 13.38 7.10
C VAL C 135 25.81 12.57 7.73
N ALA C 136 26.12 12.85 9.00
CA ALA C 136 27.21 12.17 9.70
C ALA C 136 26.95 10.66 9.83
N GLN C 137 25.68 10.28 9.97
CA GLN C 137 25.31 8.88 10.11
C GLN C 137 25.55 8.07 8.85
N LEU C 138 25.75 8.73 7.71
CA LEU C 138 26.05 8.00 6.48
C LEU C 138 27.36 7.21 6.59
N LYS C 139 28.23 7.62 7.52
CA LYS C 139 29.49 6.89 7.75
C LYS C 139 29.38 5.75 8.77
N SER C 140 28.15 5.45 9.21
CA SER C 140 27.92 4.36 10.15
C SER C 140 28.28 3.03 9.50
N GLU C 141 28.81 2.10 10.31
CA GLU C 141 29.11 0.75 9.81
C GLU C 141 27.82 0.02 9.46
N SER C 142 26.70 0.53 9.97
CA SER C 142 25.40 -0.08 9.75
C SER C 142 24.70 0.42 8.45
N GLU C 143 24.69 -0.45 7.45
CA GLU C 143 23.99 -0.15 6.20
C GLU C 143 22.50 0.13 6.39
N ASP C 144 21.86 -0.60 7.29
CA ASP C 144 20.45 -0.35 7.62
C ASP C 144 20.22 1.09 8.09
N LEU C 145 21.05 1.57 9.01
CA LEU C 145 20.98 2.97 9.41
C LEU C 145 21.26 3.87 8.19
N GLN C 146 22.26 3.51 7.38
CA GLN C 146 22.54 4.28 6.16
C GLN C 146 21.32 4.37 5.24
N GLN C 147 20.58 3.26 5.16
CA GLN C 147 19.45 3.14 4.26
C GLN C 147 18.33 4.07 4.75
N VAL C 148 18.14 4.11 6.06
CA VAL C 148 17.14 4.97 6.69
C VAL C 148 17.46 6.45 6.48
N ILE C 149 18.70 6.85 6.76
CA ILE C 149 19.12 8.24 6.58
C ILE C 149 18.92 8.69 5.13
N ALA C 150 19.34 7.85 4.18
CA ALA C 150 19.19 8.16 2.76
C ALA C 150 17.72 8.31 2.38
N SER C 151 16.85 7.52 3.00
CA SER C 151 15.40 7.68 2.81
C SER C 151 14.92 9.08 3.22
N VAL C 152 15.43 9.58 4.34
CA VAL C 152 15.05 10.92 4.83
C VAL C 152 15.57 11.98 3.86
N LEU C 153 16.83 11.86 3.46
CA LEU C 153 17.45 12.82 2.56
C LEU C 153 16.77 12.79 1.19
N ARG C 154 16.33 11.61 0.77
CA ARG C 154 15.59 11.46 -0.47
C ARG C 154 14.33 12.35 -0.44
N ASN C 155 13.53 12.19 0.61
CA ASN C 155 12.30 12.95 0.78
C ASN C 155 12.55 14.46 0.86
N LEU C 156 13.56 14.84 1.65
CA LEU C 156 13.87 16.25 1.81
C LEU C 156 14.33 16.90 0.50
N SER C 157 14.92 16.08 -0.38
CA SER C 157 15.48 16.61 -1.61
C SER C 157 14.49 16.60 -2.78
N TRP C 158 13.35 15.94 -2.60
CA TRP C 158 12.29 15.96 -3.60
C TRP C 158 11.47 17.22 -3.40
N ARG C 159 11.39 18.04 -4.46
CA ARG C 159 10.64 19.30 -4.44
C ARG C 159 11.01 20.20 -3.28
N ALA C 160 12.30 20.27 -2.98
CA ALA C 160 12.81 21.15 -1.92
C ALA C 160 12.64 22.63 -2.31
N ASP C 161 12.30 23.47 -1.33
CA ASP C 161 12.26 24.91 -1.56
C ASP C 161 13.68 25.47 -1.57
N VAL C 162 13.79 26.77 -1.80
CA VAL C 162 15.08 27.43 -1.97
C VAL C 162 15.95 27.25 -0.73
N ASN C 163 15.38 27.49 0.44
CA ASN C 163 16.13 27.36 1.68
C ASN C 163 16.63 25.94 1.88
N SER C 164 15.76 24.97 1.63
CA SER C 164 16.08 23.57 1.82
C SER C 164 17.21 23.10 0.92
N LYS C 165 17.17 23.51 -0.36
CA LYS C 165 18.24 23.16 -1.31
C LYS C 165 19.59 23.66 -0.81
N LYS C 166 19.60 24.91 -0.33
CA LYS C 166 20.81 25.52 0.19
C LYS C 166 21.35 24.71 1.40
N THR C 167 20.48 24.44 2.36
CA THR C 167 20.87 23.69 3.56
C THR C 167 21.38 22.28 3.22
N LEU C 168 20.64 21.56 2.36
CA LEU C 168 21.03 20.22 1.93
C LEU C 168 22.46 20.22 1.38
N ARG C 169 22.77 21.25 0.59
CA ARG C 169 24.07 21.45 0.03
C ARG C 169 25.17 21.80 1.06
N GLU C 170 24.90 22.76 1.92
CA GLU C 170 25.90 23.23 2.89
C GLU C 170 26.24 22.22 3.99
N VAL C 171 25.33 21.28 4.29
CA VAL C 171 25.66 20.22 5.24
C VAL C 171 26.48 19.09 4.60
N GLY C 172 26.78 19.23 3.31
CA GLY C 172 27.61 18.25 2.60
C GLY C 172 26.88 16.96 2.21
N SER C 173 25.55 17.02 2.08
CA SER C 173 24.74 15.88 1.60
C SER C 173 25.30 15.17 0.38
N VAL C 174 25.68 15.94 -0.63
CA VAL C 174 25.96 15.37 -1.93
C VAL C 174 27.20 14.46 -1.89
N LYS C 175 28.32 15.00 -1.40
CA LYS C 175 29.57 14.23 -1.30
C LYS C 175 29.44 13.02 -0.37
N ALA C 176 28.82 13.24 0.79
CA ALA C 176 28.60 12.15 1.74
C ALA C 176 27.82 10.98 1.10
N LEU C 177 26.69 11.28 0.47
CA LEU C 177 25.90 10.23 -0.20
C LEU C 177 26.66 9.54 -1.33
N MET C 178 27.37 10.32 -2.14
CA MET C 178 28.14 9.75 -3.23
C MET C 178 29.28 8.82 -2.72
N GLU C 179 29.97 9.27 -1.68
CA GLU C 179 31.01 8.46 -1.06
C GLU C 179 30.43 7.21 -0.43
N CYS C 180 29.28 7.38 0.23
CA CYS C 180 28.52 6.28 0.79
C CYS C 180 28.18 5.24 -0.28
N ALA C 181 27.65 5.71 -1.42
CA ALA C 181 27.26 4.85 -2.54
C ALA C 181 28.36 3.88 -2.91
N LEU C 182 29.60 4.37 -2.94
CA LEU C 182 30.75 3.58 -3.37
C LEU C 182 31.05 2.37 -2.47
N GLU C 183 30.76 2.50 -1.19
CA GLU C 183 31.10 1.46 -0.20
C GLU C 183 29.93 0.51 0.11
N VAL C 184 28.73 0.92 -0.30
CA VAL C 184 27.48 0.19 -0.04
C VAL C 184 27.51 -1.24 -0.60
N LYS C 185 27.04 -2.21 0.18
CA LYS C 185 27.00 -3.62 -0.23
C LYS C 185 25.60 -4.18 -0.45
N LYS C 186 24.60 -3.61 0.23
CA LYS C 186 23.21 -4.09 0.08
C LYS C 186 22.44 -3.30 -0.95
N GLU C 187 21.66 -4.01 -1.75
CA GLU C 187 20.86 -3.41 -2.79
C GLU C 187 19.90 -2.39 -2.20
N SER C 188 19.29 -2.76 -1.08
CA SER C 188 18.31 -1.90 -0.43
C SER C 188 18.93 -0.57 0.00
N THR C 189 20.18 -0.60 0.46
CA THR C 189 20.89 0.63 0.85
C THR C 189 21.18 1.54 -0.35
N LEU C 190 21.76 0.98 -1.41
CA LEU C 190 22.09 1.70 -2.63
C LEU C 190 20.86 2.34 -3.27
N LYS C 191 19.72 1.67 -3.17
CA LYS C 191 18.49 2.20 -3.74
C LYS C 191 18.11 3.55 -3.12
N SER C 192 18.13 3.64 -1.79
CA SER C 192 17.84 4.91 -1.09
C SER C 192 18.94 5.92 -1.31
N VAL C 193 20.19 5.48 -1.29
CA VAL C 193 21.31 6.40 -1.49
C VAL C 193 21.29 7.04 -2.89
N LEU C 194 21.10 6.21 -3.91
CA LEU C 194 21.02 6.71 -5.30
C LEU C 194 19.80 7.57 -5.56
N SER C 195 18.67 7.21 -4.96
CA SER C 195 17.46 8.04 -4.96
C SER C 195 17.69 9.45 -4.54
N ALA C 196 18.31 9.59 -3.36
CA ALA C 196 18.61 10.88 -2.77
C ALA C 196 19.55 11.67 -3.67
N LEU C 197 20.53 10.97 -4.23
CA LEU C 197 21.49 11.54 -5.12
C LEU C 197 20.80 11.95 -6.43
N TRP C 198 19.86 11.13 -6.88
CA TRP C 198 19.08 11.47 -8.06
C TRP C 198 18.39 12.82 -7.88
N ASN C 199 17.73 13.04 -6.74
CA ASN C 199 17.03 14.31 -6.45
C ASN C 199 18.02 15.47 -6.32
N LEU C 200 19.05 15.26 -5.51
CA LEU C 200 20.03 16.30 -5.21
C LEU C 200 20.79 16.77 -6.45
N SER C 201 21.05 15.85 -7.38
CA SER C 201 21.80 16.16 -8.60
C SER C 201 21.01 17.05 -9.55
N ALA C 202 19.72 17.20 -9.30
CA ALA C 202 18.86 18.12 -10.04
C ALA C 202 18.89 19.54 -9.53
N HIS C 203 19.40 19.75 -8.31
CA HIS C 203 19.27 21.04 -7.63
C HIS C 203 20.05 22.23 -8.22
N CYS C 204 21.31 22.00 -8.59
CA CYS C 204 22.17 23.09 -9.08
C CYS C 204 23.49 22.51 -9.57
N THR C 205 24.22 23.34 -10.30
CA THR C 205 25.46 22.93 -10.94
C THR C 205 26.49 22.46 -9.95
N GLU C 206 26.56 23.15 -8.82
CA GLU C 206 27.48 22.81 -7.73
C GLU C 206 27.32 21.36 -7.29
N ASN C 207 26.08 20.93 -7.08
CA ASN C 207 25.78 19.56 -6.69
C ASN C 207 26.25 18.57 -7.76
N LYS C 208 26.09 18.94 -9.03
CA LYS C 208 26.59 18.11 -10.12
C LYS C 208 28.10 18.06 -10.12
N ALA C 209 28.74 19.20 -9.87
CA ALA C 209 30.21 19.27 -9.79
C ALA C 209 30.74 18.43 -8.64
N ASP C 210 30.06 18.51 -7.49
CA ASP C 210 30.48 17.72 -6.33
C ASP C 210 30.42 16.22 -6.63
N ILE C 211 29.36 15.77 -7.30
CA ILE C 211 29.23 14.35 -7.67
C ILE C 211 30.37 13.90 -8.59
N CYS C 212 30.67 14.72 -9.60
CA CYS C 212 31.72 14.42 -10.56
C CYS C 212 33.11 14.47 -9.93
N ALA C 213 33.26 15.30 -8.90
CA ALA C 213 34.57 15.48 -8.24
C ALA C 213 35.02 14.27 -7.40
N VAL C 214 34.07 13.49 -6.91
CA VAL C 214 34.38 12.32 -6.08
C VAL C 214 35.11 11.25 -6.91
N ASP C 215 36.27 10.85 -6.42
CA ASP C 215 37.12 9.87 -7.10
C ASP C 215 36.35 8.55 -7.26
N GLY C 216 36.29 8.05 -8.50
CA GLY C 216 35.61 6.79 -8.80
C GLY C 216 34.10 6.86 -9.02
N ALA C 217 33.50 8.02 -8.76
CA ALA C 217 32.05 8.18 -8.83
C ALA C 217 31.45 7.97 -10.24
N LEU C 218 32.08 8.57 -11.24
CA LEU C 218 31.57 8.42 -12.61
C LEU C 218 31.63 6.98 -13.11
N ALA C 219 32.77 6.30 -12.91
CA ALA C 219 32.87 4.88 -13.25
C ALA C 219 31.77 4.08 -12.54
N PHE C 220 31.56 4.39 -11.26
CA PHE C 220 30.53 3.73 -10.48
C PHE C 220 29.12 3.97 -11.04
N LEU C 221 28.80 5.24 -11.34
CA LEU C 221 27.53 5.60 -11.94
C LEU C 221 27.27 4.88 -13.27
N VAL C 222 28.31 4.77 -14.13
CA VAL C 222 28.21 3.99 -15.37
C VAL C 222 27.99 2.51 -15.07
N GLY C 223 28.65 1.99 -14.04
CA GLY C 223 28.44 0.61 -13.59
C GLY C 223 26.99 0.34 -13.23
N THR C 224 26.31 1.30 -12.60
CA THR C 224 24.90 1.10 -12.25
C THR C 224 23.98 0.91 -13.46
N LEU C 225 24.35 1.45 -14.62
CA LEU C 225 23.54 1.28 -15.84
C LEU C 225 23.34 -0.18 -16.26
N THR C 226 24.22 -1.07 -15.79
CA THR C 226 24.17 -2.50 -16.10
C THR C 226 24.16 -3.34 -14.82
N TYR C 227 23.52 -2.83 -13.79
CA TYR C 227 23.45 -3.45 -12.47
C TYR C 227 22.60 -4.72 -12.52
N ARG C 228 23.17 -5.84 -12.07
CA ARG C 228 22.43 -7.10 -12.05
C ARG C 228 21.58 -7.27 -10.78
N SER C 229 20.36 -6.74 -10.83
CA SER C 229 19.45 -6.78 -9.69
C SER C 229 19.01 -8.20 -9.35
N GLN C 230 19.02 -8.53 -8.06
CA GLN C 230 18.57 -9.84 -7.61
C GLN C 230 17.06 -9.89 -7.40
N THR C 231 16.44 -8.71 -7.31
CA THR C 231 14.99 -8.61 -7.13
C THR C 231 14.20 -8.46 -8.42
N ASN C 232 14.89 -8.30 -9.55
CA ASN C 232 14.22 -8.15 -10.85
C ASN C 232 13.66 -6.74 -11.08
N THR C 233 14.02 -5.81 -10.19
CA THR C 233 13.57 -4.42 -10.25
C THR C 233 14.59 -3.56 -11.00
N LEU C 234 14.15 -2.39 -11.48
CA LEU C 234 15.00 -1.49 -12.26
C LEU C 234 15.44 -0.22 -11.49
N ALA C 235 15.04 -0.12 -10.21
CA ALA C 235 15.33 1.05 -9.35
C ALA C 235 16.76 1.59 -9.43
N ILE C 236 17.74 0.69 -9.41
CA ILE C 236 19.15 1.07 -9.46
C ILE C 236 19.55 1.66 -10.82
N ILE C 237 19.12 1.02 -11.90
CA ILE C 237 19.36 1.54 -13.25
C ILE C 237 18.71 2.92 -13.46
N GLU C 238 17.45 3.04 -13.06
CA GLU C 238 16.73 4.30 -13.12
C GLU C 238 17.42 5.42 -12.31
N SER C 239 17.80 5.12 -11.06
CA SER C 239 18.42 6.11 -10.19
C SER C 239 19.83 6.51 -10.63
N GLY C 240 20.69 5.51 -10.85
CA GLY C 240 22.04 5.75 -11.36
C GLY C 240 21.99 6.46 -12.70
N GLY C 241 21.04 6.05 -13.56
CA GLY C 241 20.83 6.71 -14.84
C GLY C 241 20.27 8.12 -14.70
N GLY C 242 19.45 8.33 -13.67
CA GLY C 242 18.88 9.64 -13.42
C GLY C 242 19.95 10.63 -13.00
N ILE C 243 20.82 10.20 -12.09
CA ILE C 243 21.99 10.96 -11.66
C ILE C 243 22.93 11.27 -12.83
N LEU C 244 23.27 10.24 -13.60
CA LEU C 244 24.14 10.40 -14.75
C LEU C 244 23.59 11.44 -15.72
N ARG C 245 22.31 11.33 -16.04
CA ARG C 245 21.64 12.31 -16.91
C ARG C 245 21.71 13.73 -16.35
N ASN C 246 21.51 13.89 -15.04
CA ASN C 246 21.60 15.22 -14.43
C ASN C 246 23.00 15.85 -14.49
N VAL C 247 24.04 15.05 -14.28
CA VAL C 247 25.42 15.57 -14.24
C VAL C 247 26.07 15.59 -15.63
N SER C 248 25.34 15.12 -16.63
CA SER C 248 25.90 14.95 -17.97
C SER C 248 26.21 16.26 -18.65
N SER C 249 25.49 17.32 -18.29
CA SER C 249 25.77 18.67 -18.82
C SER C 249 27.17 19.16 -18.49
N LEU C 250 27.75 18.64 -17.40
CA LEU C 250 29.09 19.02 -16.99
C LEU C 250 30.12 18.08 -17.60
N ILE C 251 29.77 16.80 -17.66
CA ILE C 251 30.60 15.80 -18.32
C ILE C 251 30.86 16.19 -19.77
N ALA C 252 29.82 16.65 -20.46
CA ALA C 252 29.90 17.08 -21.85
C ALA C 252 31.11 17.98 -22.15
N THR C 253 31.41 18.91 -21.24
CA THR C 253 32.50 19.87 -21.46
C THR C 253 33.81 19.50 -20.75
N ASN C 254 33.89 18.25 -20.26
CA ASN C 254 35.06 17.77 -19.54
C ASN C 254 35.57 16.49 -20.19
N GLU C 255 36.73 16.63 -20.84
CA GLU C 255 37.31 15.57 -21.64
C GLU C 255 37.75 14.35 -20.83
N ASP C 256 38.36 14.59 -19.66
CA ASP C 256 38.76 13.49 -18.77
C ASP C 256 37.54 12.70 -18.26
N HIS C 257 36.45 13.41 -17.97
CA HIS C 257 35.18 12.79 -17.57
C HIS C 257 34.57 12.00 -18.72
N ARG C 258 34.56 12.58 -19.92
CA ARG C 258 34.15 11.83 -21.11
C ARG C 258 34.97 10.56 -21.30
N GLN C 259 36.28 10.67 -21.05
CA GLN C 259 37.18 9.53 -21.23
C GLN C 259 36.86 8.38 -20.27
N ILE C 260 36.56 8.71 -19.01
CA ILE C 260 36.16 7.72 -18.01
C ILE C 260 34.89 6.98 -18.46
N LEU C 261 33.97 7.73 -19.07
CA LEU C 261 32.77 7.14 -19.66
C LEU C 261 33.04 6.12 -20.78
N ARG C 262 33.96 6.44 -21.70
CA ARG C 262 34.28 5.56 -22.84
C ARG C 262 34.91 4.25 -22.35
N GLU C 263 35.83 4.37 -21.39
CA GLU C 263 36.55 3.24 -20.84
C GLU C 263 35.62 2.28 -20.11
N ASN C 264 34.38 2.72 -19.95
CA ASN C 264 33.37 1.95 -19.26
C ASN C 264 32.18 1.62 -20.16
N ASN C 265 32.37 1.88 -21.45
CA ASN C 265 31.39 1.58 -22.51
C ASN C 265 30.02 2.23 -22.29
N CYS C 266 30.04 3.49 -21.88
CA CYS C 266 28.83 4.23 -21.53
C CYS C 266 27.87 4.39 -22.71
N LEU C 267 28.40 4.92 -23.81
CA LEU C 267 27.59 5.26 -24.98
C LEU C 267 26.81 4.08 -25.53
N GLN C 268 27.43 2.90 -25.50
CA GLN C 268 26.83 1.66 -26.02
C GLN C 268 25.67 1.23 -25.13
N THR C 269 25.93 1.20 -23.83
CA THR C 269 24.90 0.93 -22.84
C THR C 269 23.74 1.93 -22.95
N LEU C 270 24.06 3.21 -23.16
CA LEU C 270 23.02 4.22 -23.28
C LEU C 270 22.09 3.91 -24.45
N LEU C 271 22.67 3.39 -25.54
CA LEU C 271 21.89 2.98 -26.69
C LEU C 271 21.05 1.75 -26.38
N GLN C 272 21.58 0.78 -25.64
CA GLN C 272 20.77 -0.38 -25.22
C GLN C 272 19.60 0.07 -24.34
N HIS C 273 19.82 1.12 -23.54
CA HIS C 273 18.78 1.71 -22.69
C HIS C 273 17.61 2.26 -23.51
N LEU C 274 17.88 2.70 -24.74
CA LEU C 274 16.83 3.19 -25.64
C LEU C 274 15.75 2.14 -25.95
N LYS C 275 16.08 0.88 -25.70
CA LYS C 275 15.16 -0.23 -25.95
C LYS C 275 14.31 -0.60 -24.73
N SER C 276 14.60 0.01 -23.58
CA SER C 276 13.91 -0.33 -22.33
C SER C 276 12.39 -0.17 -22.39
N HIS C 277 11.70 -1.00 -21.61
CA HIS C 277 10.25 -0.92 -21.45
C HIS C 277 9.92 0.05 -20.31
N SER C 278 10.96 0.54 -19.63
CA SER C 278 10.82 1.59 -18.63
C SER C 278 11.04 2.95 -19.27
N LEU C 279 10.00 3.79 -19.20
CA LEU C 279 10.00 5.11 -19.79
C LEU C 279 11.10 5.96 -19.17
N THR C 280 11.24 5.81 -17.86
CA THR C 280 12.23 6.52 -17.07
C THR C 280 13.64 6.21 -17.57
N ILE C 281 13.96 4.92 -17.70
CA ILE C 281 15.25 4.52 -18.24
C ILE C 281 15.50 5.19 -19.60
N VAL C 282 14.53 5.05 -20.50
CA VAL C 282 14.63 5.58 -21.87
C VAL C 282 14.88 7.09 -21.86
N SER C 283 14.06 7.79 -21.08
CA SER C 283 14.17 9.24 -20.91
C SER C 283 15.52 9.71 -20.35
N ASN C 284 16.04 8.96 -19.38
CA ASN C 284 17.33 9.27 -18.79
C ASN C 284 18.43 9.15 -19.85
N ALA C 285 18.34 8.09 -20.65
CA ALA C 285 19.28 7.79 -21.73
C ALA C 285 19.24 8.87 -22.81
N CYS C 286 18.04 9.29 -23.19
CA CYS C 286 17.90 10.33 -24.19
C CYS C 286 18.52 11.62 -23.66
N GLY C 287 18.32 11.90 -22.39
CA GLY C 287 18.83 13.13 -21.78
C GLY C 287 20.35 13.16 -21.75
N THR C 288 20.94 12.03 -21.36
CA THR C 288 22.39 11.90 -21.33
C THR C 288 23.00 11.95 -22.74
N LEU C 289 22.40 11.20 -23.66
CA LEU C 289 22.78 11.21 -25.09
C LEU C 289 22.69 12.60 -25.71
N TRP C 290 21.64 13.34 -25.35
CA TRP C 290 21.52 14.75 -25.71
C TRP C 290 22.81 15.51 -25.39
N ASN C 291 23.30 15.38 -24.15
CA ASN C 291 24.47 16.12 -23.72
C ASN C 291 25.75 15.59 -24.36
N LEU C 292 25.90 14.27 -24.34
CA LEU C 292 27.12 13.68 -24.84
C LEU C 292 27.19 13.85 -26.34
N SER C 293 26.04 13.96 -27.00
CA SER C 293 25.93 14.30 -28.42
C SER C 293 26.56 15.61 -28.87
N ALA C 294 26.71 16.57 -27.95
CA ALA C 294 27.32 17.87 -28.28
C ALA C 294 28.86 17.88 -28.27
N ASP C 299 30.49 11.95 -31.13
CA ASP C 299 29.68 12.04 -32.35
C ASP C 299 29.87 10.79 -33.19
N GLN C 300 31.13 10.53 -33.54
CA GLN C 300 31.47 9.52 -34.52
C GLN C 300 31.13 8.13 -34.02
N GLU C 301 31.44 7.86 -32.76
CA GLU C 301 31.20 6.55 -32.17
C GLU C 301 29.72 6.18 -32.16
N ALA C 302 28.87 7.14 -31.83
CA ALA C 302 27.43 6.92 -31.91
C ALA C 302 27.02 6.68 -33.38
N LEU C 303 27.53 7.52 -34.29
CA LEU C 303 27.24 7.41 -35.73
C LEU C 303 27.85 6.19 -36.43
N TRP C 304 29.11 5.91 -36.11
CA TRP C 304 29.87 4.75 -36.63
C TRP C 304 29.25 3.47 -36.12
N MET C 306 27.62 1.82 -34.44
CA MET C 306 26.77 1.81 -33.26
C MET C 306 25.31 1.94 -33.66
N GLY C 307 25.04 2.80 -34.64
CA GLY C 307 23.70 2.94 -35.22
C GLY C 307 22.70 3.72 -34.37
N ALA C 308 23.19 4.71 -33.63
CA ALA C 308 22.37 5.56 -32.76
C ALA C 308 21.23 6.25 -33.53
N VAL C 309 21.55 6.80 -34.69
CA VAL C 309 20.60 7.53 -35.53
C VAL C 309 19.29 6.77 -35.69
N SER C 310 19.38 5.51 -36.09
CA SER C 310 18.23 4.66 -36.28
C SER C 310 17.45 4.45 -34.98
N MET C 311 18.16 4.25 -33.88
CA MET C 311 17.50 3.98 -32.63
C MET C 311 16.77 5.22 -32.15
N LEU C 312 17.40 6.38 -32.32
CA LEU C 312 16.81 7.65 -31.91
C LEU C 312 15.54 8.05 -32.68
N LYS C 313 15.51 7.82 -34.00
CA LYS C 313 14.31 8.21 -34.77
C LYS C 313 13.12 7.29 -34.53
N ASN C 314 13.35 6.18 -33.82
CA ASN C 314 12.26 5.38 -33.29
C ASN C 314 11.59 6.03 -32.08
N LEU C 315 11.96 6.80 -31.77
CA LEU C 315 11.62 7.57 -30.57
C LEU C 315 11.33 9.04 -30.81
N ILE C 316 11.52 9.78 -31.53
CA ILE C 316 11.20 11.20 -31.69
C ILE C 316 9.71 11.56 -31.73
N HIS C 317 8.85 10.57 -31.98
CA HIS C 317 7.40 10.79 -32.03
C HIS C 317 6.69 10.15 -30.83
N SER C 318 7.47 9.89 -29.79
CA SER C 318 6.93 9.38 -28.53
C SER C 318 5.95 10.38 -27.95
N LYS C 319 4.88 9.88 -27.31
CA LYS C 319 3.96 10.75 -26.57
C LYS C 319 4.63 11.35 -25.33
N HIS C 320 5.64 10.65 -24.81
CA HIS C 320 6.46 11.14 -23.69
C HIS C 320 7.33 12.30 -24.14
N LYS C 321 7.06 13.46 -23.56
CA LYS C 321 7.65 14.74 -23.91
C LYS C 321 9.18 14.74 -23.87
N MET C 322 9.76 14.28 -22.77
CA MET C 322 11.22 14.27 -22.57
C MET C 322 11.92 13.33 -23.57
N ILE C 323 11.35 12.15 -23.77
CA ILE C 323 11.88 11.19 -24.75
C ILE C 323 11.86 11.81 -26.17
N ALA C 324 10.71 12.35 -26.57
CA ALA C 324 10.63 13.01 -27.88
C ALA C 324 11.73 14.06 -28.04
N MET C 325 11.75 15.04 -27.13
CA MET C 325 12.70 16.13 -27.20
C MET C 325 14.16 15.66 -27.13
N GLY C 326 14.44 14.74 -26.21
CA GLY C 326 15.78 14.22 -25.98
C GLY C 326 16.32 13.43 -27.14
N SER C 327 15.50 12.54 -27.70
CA SER C 327 15.88 11.80 -28.89
C SER C 327 16.06 12.75 -30.06
N ALA C 328 15.12 13.68 -30.25
CA ALA C 328 15.21 14.63 -31.36
C ALA C 328 16.45 15.53 -31.28
N ALA C 329 16.78 16.00 -30.08
CA ALA C 329 17.93 16.89 -29.91
C ALA C 329 19.27 16.17 -30.09
N ALA C 330 19.35 14.91 -29.66
CA ALA C 330 20.56 14.11 -29.87
C ALA C 330 20.75 13.82 -31.36
N LEU C 331 19.64 13.59 -32.06
CA LEU C 331 19.66 13.37 -33.50
C LEU C 331 20.18 14.59 -34.24
N ARG C 332 19.62 15.75 -33.92
CA ARG C 332 20.01 17.02 -34.50
C ARG C 332 21.52 17.26 -34.31
N ASN C 333 22.01 16.94 -33.11
CA ASN C 333 23.45 17.01 -32.83
C ASN C 333 24.29 16.09 -33.73
N LEU C 334 23.81 14.89 -33.99
CA LEU C 334 24.55 13.95 -34.83
C LEU C 334 24.52 14.40 -36.29
N MET C 335 23.48 15.09 -36.68
CA MET C 335 23.30 15.59 -38.03
C MET C 335 24.41 16.60 -38.43
N ALA C 336 25.04 17.20 -37.44
CA ALA C 336 26.33 17.91 -37.59
C ALA C 336 26.34 18.96 -38.69
N SER D 15 17.88 18.72 -15.83
CA SER D 15 17.84 18.43 -14.37
C SER D 15 16.45 17.98 -13.89
N TYR D 16 16.28 16.67 -13.67
CA TYR D 16 15.01 16.15 -13.15
C TYR D 16 15.24 15.30 -11.91
N GLU D 17 14.39 15.53 -10.92
CA GLU D 17 14.48 14.78 -9.68
C GLU D 17 13.90 13.39 -9.89
N GLY D 18 14.05 12.53 -8.88
CA GLY D 18 13.57 11.15 -8.96
C GLY D 18 12.21 10.95 -8.29
N TYR D 19 12.22 10.85 -6.96
CA TYR D 19 10.99 10.60 -6.21
C TYR D 19 11.13 10.80 -4.71
N GLU D 20 9.99 10.82 -4.02
CA GLU D 20 9.94 10.70 -2.56
C GLU D 20 9.10 9.45 -2.29
N GLY D 21 9.06 9.02 -1.03
CA GLY D 21 8.23 7.88 -0.66
C GLY D 21 8.07 7.76 0.84
N TYR D 22 7.15 6.91 1.24
CA TYR D 22 7.08 6.48 2.63
C TYR D 22 8.29 5.62 2.89
N TYR D 23 8.54 5.29 4.14
CA TYR D 23 9.67 4.43 4.41
C TYR D 23 9.45 3.03 3.84
N SER D 24 10.45 2.57 3.12
CA SER D 24 10.45 1.24 2.55
C SER D 24 11.70 0.50 3.04
N GLN D 25 11.53 -0.74 3.47
CA GLN D 25 12.63 -1.56 3.98
C GLN D 25 13.34 -2.33 2.86
#